data_8B73
#
_entry.id   8B73
#
_cell.length_a   80.566
_cell.length_b   88.916
_cell.length_c   173.479
_cell.angle_alpha   90.000
_cell.angle_beta   90.000
_cell.angle_gamma   90.000
#
_symmetry.space_group_name_H-M   'P 21 21 21'
#
loop_
_entity.id
_entity.type
_entity.pdbx_description
1 polymer Beta-xylanase
2 water water
#
_entity_poly.entity_id   1
_entity_poly.type   'polypeptide(L)'
_entity_poly.pdbx_seq_one_letter_code
;MGLENNQNCLQHRMGTTTIKLVAADGSPLANKEVTVKQTKHKFLFGCAEFTSVPYANNKFEGKQKEKIEERYEKFFDLFN
FVTLPFYWGKFEPVKGKPDTESLKNAAKWLQTKGVELKGHPLCWHTETAPWLLDMSNSEIFSTQIKRIHRDVTDFKGLID
MWDVINEVVIMPIFDKYDNGITRICKDMGRIKLVREVFKAARESNPNATLLINDFETSESYDILIEGLLESGVHIDAIGI
QSHMHQGYWGVEKTQEILERFSRFKLPIHFTENTLVSGHLMPPEIVDLNDYQIPEWPSTPEGEERQAQEAVTHYKTLFSH
PLVEAITWWDFVDGGWLKAPSGFITQDNRVKPIYHALHDLIKNQWWTKPMDLISDENGLVNVSGFLGEYEVTFDGKSKSF
CLDNNNETVTISA
;
_entity_poly.pdbx_strand_id   A,B
#
# COMPACT_ATOMS: atom_id res chain seq x y z
N CYS A 9 5.01 -33.42 8.40
CA CYS A 9 4.94 -31.94 8.31
C CYS A 9 5.58 -31.42 7.01
N LEU A 10 6.12 -32.32 6.18
CA LEU A 10 6.44 -32.02 4.79
C LEU A 10 5.58 -32.89 3.87
N GLN A 11 4.38 -33.23 4.33
CA GLN A 11 3.46 -34.10 3.61
C GLN A 11 3.06 -33.42 2.29
N HIS A 12 2.80 -32.12 2.35
CA HIS A 12 2.39 -31.33 1.18
C HIS A 12 3.46 -31.35 0.08
N ARG A 13 4.70 -31.73 0.43
CA ARG A 13 5.78 -31.79 -0.54
C ARG A 13 5.92 -33.17 -1.15
N MET A 14 5.05 -34.10 -0.75
CA MET A 14 5.17 -35.49 -1.13
C MET A 14 3.88 -35.98 -1.76
N GLY A 15 3.93 -37.18 -2.35
CA GLY A 15 2.76 -37.77 -2.97
C GLY A 15 2.90 -39.27 -3.20
N THR A 16 1.87 -39.84 -3.84
CA THR A 16 1.83 -41.24 -4.22
C THR A 16 1.31 -41.33 -5.65
N THR A 17 1.96 -42.16 -6.47
CA THR A 17 1.45 -42.52 -7.78
C THR A 17 1.48 -44.04 -7.92
N THR A 18 0.57 -44.55 -8.76
CA THR A 18 0.63 -45.94 -9.20
C THR A 18 1.09 -45.96 -10.64
N ILE A 19 2.07 -46.84 -10.94
CA ILE A 19 2.48 -47.09 -12.31
C ILE A 19 2.06 -48.51 -12.69
N LYS A 20 1.68 -48.69 -13.96
CA LYS A 20 1.29 -49.98 -14.50
C LYS A 20 2.31 -50.40 -15.56
N LEU A 21 2.91 -51.58 -15.35
CA LEU A 21 3.88 -52.14 -16.28
C LEU A 21 3.18 -53.13 -17.21
N VAL A 22 3.26 -52.89 -18.52
CA VAL A 22 2.63 -53.74 -19.52
C VAL A 22 3.65 -54.09 -20.61
N ALA A 23 3.47 -55.29 -21.18
CA ALA A 23 4.14 -55.69 -22.41
C ALA A 23 3.51 -54.92 -23.59
N ALA A 24 4.02 -55.17 -24.80
CA ALA A 24 3.58 -54.47 -26.00
C ALA A 24 2.12 -54.77 -26.32
N ASP A 25 1.61 -55.93 -25.89
CA ASP A 25 0.23 -56.34 -26.15
C ASP A 25 -0.72 -55.88 -25.04
N GLY A 26 -0.21 -55.13 -24.06
CA GLY A 26 -1.02 -54.62 -22.96
C GLY A 26 -1.07 -55.56 -21.76
N SER A 27 -0.49 -56.76 -21.91
CA SER A 27 -0.47 -57.77 -20.87
C SER A 27 0.41 -57.28 -19.71
N PRO A 28 0.02 -57.52 -18.44
CA PRO A 28 0.77 -56.98 -17.31
C PRO A 28 2.12 -57.68 -17.13
N LEU A 29 3.15 -56.89 -16.76
CA LEU A 29 4.40 -57.43 -16.26
C LEU A 29 4.20 -57.70 -14.76
N ALA A 30 3.78 -58.94 -14.45
CA ALA A 30 3.30 -59.29 -13.13
C ALA A 30 4.44 -59.87 -12.30
N ASN A 31 4.42 -59.57 -10.99
CA ASN A 31 5.42 -60.03 -10.04
C ASN A 31 6.82 -59.71 -10.53
N LYS A 32 6.98 -58.50 -11.09
CA LYS A 32 8.22 -58.05 -11.69
C LYS A 32 8.97 -57.19 -10.68
N GLU A 33 10.21 -57.59 -10.34
CA GLU A 33 11.07 -56.80 -9.46
C GLU A 33 11.62 -55.59 -10.23
N VAL A 34 11.46 -54.40 -9.64
CA VAL A 34 11.90 -53.16 -10.25
C VAL A 34 12.60 -52.30 -9.19
N THR A 35 13.38 -51.32 -9.68
CA THR A 35 14.00 -50.31 -8.83
C THR A 35 13.48 -48.93 -9.23
N VAL A 36 13.03 -48.16 -8.23
CA VAL A 36 12.51 -46.83 -8.46
C VAL A 36 13.38 -45.83 -7.68
N LYS A 37 13.70 -44.70 -8.33
CA LYS A 37 14.48 -43.66 -7.70
C LYS A 37 14.02 -42.29 -8.19
N GLN A 38 14.19 -41.28 -7.33
CA GLN A 38 13.93 -39.89 -7.70
C GLN A 38 15.11 -39.37 -8.52
N THR A 39 14.80 -38.65 -9.60
CA THR A 39 15.81 -38.06 -10.47
C THR A 39 15.74 -36.53 -10.43
N LYS A 40 14.62 -35.96 -9.95
CA LYS A 40 14.44 -34.51 -9.93
C LYS A 40 13.35 -34.10 -8.94
N HIS A 41 13.49 -32.89 -8.41
CA HIS A 41 12.47 -32.25 -7.59
C HIS A 41 11.45 -31.55 -8.47
N LYS A 42 10.16 -31.62 -8.08
CA LYS A 42 9.17 -30.74 -8.65
C LYS A 42 9.37 -29.34 -8.09
N PHE A 43 9.74 -29.24 -6.80
CA PHE A 43 9.97 -27.95 -6.19
C PHE A 43 11.16 -27.29 -6.87
N LEU A 44 11.04 -25.97 -7.11
CA LEU A 44 12.03 -25.21 -7.84
C LEU A 44 13.08 -24.64 -6.88
N PHE A 45 14.23 -25.32 -6.82
CA PHE A 45 15.41 -24.82 -6.14
C PHE A 45 16.27 -24.12 -7.18
N GLY A 46 16.19 -22.80 -7.22
CA GLY A 46 16.79 -22.04 -8.31
C GLY A 46 18.01 -21.24 -7.88
N CYS A 47 18.69 -20.69 -8.88
CA CYS A 47 19.79 -19.75 -8.70
C CYS A 47 19.90 -18.91 -9.97
N ALA A 48 20.03 -17.59 -9.79
CA ALA A 48 20.37 -16.71 -10.90
C ALA A 48 21.73 -17.15 -11.46
N GLU A 49 21.86 -17.11 -12.79
CA GLU A 49 23.05 -17.62 -13.45
C GLU A 49 23.21 -16.87 -14.77
N PHE A 50 23.95 -15.75 -14.72
CA PHE A 50 24.09 -14.83 -15.84
C PHE A 50 25.35 -15.15 -16.65
N THR A 51 26.25 -15.99 -16.11
CA THR A 51 27.44 -16.42 -16.82
C THR A 51 27.06 -17.36 -17.96
N SER A 52 25.87 -17.97 -17.88
CA SER A 52 25.37 -18.85 -18.93
C SER A 52 25.38 -18.12 -20.28
N VAL A 53 25.17 -16.81 -20.28
CA VAL A 53 25.08 -16.04 -21.51
C VAL A 53 26.43 -16.04 -22.23
N PRO A 54 27.52 -15.48 -21.66
CA PRO A 54 28.84 -15.54 -22.31
C PRO A 54 29.35 -16.96 -22.53
N TYR A 55 29.05 -17.86 -21.59
CA TYR A 55 29.48 -19.26 -21.71
C TYR A 55 28.88 -19.91 -22.95
N ALA A 56 27.55 -19.86 -23.08
CA ALA A 56 26.85 -20.55 -24.15
C ALA A 56 27.05 -19.84 -25.49
N ASN A 57 27.65 -18.64 -25.47
CA ASN A 57 27.99 -17.91 -26.68
C ASN A 57 29.50 -17.94 -26.91
N ASN A 58 30.19 -18.91 -26.30
CA ASN A 58 31.56 -19.26 -26.61
C ASN A 58 32.47 -18.05 -26.43
N LYS A 59 32.38 -17.40 -25.26
CA LYS A 59 33.18 -16.23 -24.93
C LYS A 59 34.39 -16.61 -24.08
N PHE A 60 34.40 -17.83 -23.52
CA PHE A 60 35.48 -18.26 -22.65
C PHE A 60 36.29 -19.35 -23.37
N GLU A 61 37.58 -19.42 -23.05
CA GLU A 61 38.46 -20.44 -23.57
C GLU A 61 39.46 -20.87 -22.49
N GLY A 62 40.19 -21.96 -22.77
CA GLY A 62 41.31 -22.37 -21.94
C GLY A 62 40.88 -22.77 -20.53
N LYS A 63 41.59 -22.23 -19.52
CA LYS A 63 41.45 -22.66 -18.14
C LYS A 63 40.41 -21.83 -17.40
N GLN A 64 40.08 -20.63 -17.92
CA GLN A 64 38.97 -19.88 -17.39
C GLN A 64 37.68 -20.67 -17.63
N LYS A 65 37.56 -21.28 -18.81
CA LYS A 65 36.40 -22.06 -19.18
C LYS A 65 36.33 -23.34 -18.34
N GLU A 66 37.48 -24.01 -18.13
CA GLU A 66 37.53 -25.21 -17.31
C GLU A 66 37.10 -24.90 -15.88
N LYS A 67 37.53 -23.74 -15.38
CA LYS A 67 37.24 -23.30 -14.03
C LYS A 67 35.74 -23.01 -13.89
N ILE A 68 35.14 -22.46 -14.94
CA ILE A 68 33.70 -22.18 -14.97
C ILE A 68 32.90 -23.47 -15.07
N GLU A 69 33.38 -24.43 -15.88
CA GLU A 69 32.71 -25.71 -16.06
C GLU A 69 32.75 -26.52 -14.76
N GLU A 70 33.84 -26.36 -14.00
CA GLU A 70 34.00 -27.00 -12.71
C GLU A 70 32.87 -26.56 -11.79
N ARG A 71 32.55 -25.26 -11.84
CA ARG A 71 31.51 -24.67 -11.00
C ARG A 71 30.12 -25.13 -11.47
N TYR A 72 29.95 -25.32 -12.79
CA TYR A 72 28.66 -25.75 -13.31
C TYR A 72 28.34 -27.18 -12.85
N GLU A 73 29.35 -28.03 -12.67
CA GLU A 73 29.13 -29.38 -12.19
C GLU A 73 28.49 -29.35 -10.81
N LYS A 74 28.95 -28.43 -9.94
CA LYS A 74 28.40 -28.24 -8.61
C LYS A 74 27.02 -27.58 -8.68
N PHE A 75 26.87 -26.62 -9.60
CA PHE A 75 25.65 -25.86 -9.76
C PHE A 75 24.47 -26.78 -10.10
N PHE A 76 24.65 -27.64 -11.12
CA PHE A 76 23.57 -28.46 -11.64
C PHE A 76 23.32 -29.68 -10.75
N ASP A 77 24.24 -29.96 -9.80
CA ASP A 77 24.02 -31.06 -8.87
C ASP A 77 23.16 -30.57 -7.70
N LEU A 78 22.82 -29.27 -7.70
CA LEU A 78 22.06 -28.67 -6.60
C LEU A 78 20.75 -28.05 -7.09
N PHE A 79 20.80 -27.27 -8.18
CA PHE A 79 19.66 -26.46 -8.62
C PHE A 79 18.95 -27.10 -9.80
N ASN A 80 17.64 -26.85 -9.92
CA ASN A 80 16.83 -27.33 -11.03
C ASN A 80 16.12 -26.16 -11.72
N PHE A 81 16.53 -24.93 -11.41
CA PHE A 81 15.81 -23.73 -11.80
C PHE A 81 16.84 -22.61 -11.96
N VAL A 82 16.69 -21.78 -13.00
CA VAL A 82 17.65 -20.73 -13.30
C VAL A 82 16.92 -19.45 -13.70
N THR A 83 17.37 -18.33 -13.11
CA THR A 83 16.91 -17.01 -13.48
C THR A 83 17.93 -16.40 -14.45
N LEU A 84 17.44 -15.93 -15.60
CA LEU A 84 18.27 -15.38 -16.66
C LEU A 84 18.04 -13.86 -16.77
N PRO A 85 19.04 -13.09 -17.26
CA PRO A 85 18.95 -11.62 -17.28
C PRO A 85 18.29 -11.04 -18.53
N PHE A 86 17.29 -10.17 -18.33
CA PHE A 86 16.59 -9.50 -19.42
C PHE A 86 16.46 -8.00 -19.16
N TYR A 87 17.36 -7.46 -18.31
CA TYR A 87 17.44 -6.03 -18.07
C TYR A 87 17.50 -5.31 -19.42
N TRP A 88 16.52 -4.43 -19.66
CA TRP A 88 16.31 -3.83 -20.98
C TRP A 88 17.55 -3.05 -21.44
N GLY A 89 18.23 -2.38 -20.50
CA GLY A 89 19.42 -1.61 -20.81
C GLY A 89 20.55 -2.47 -21.36
N LYS A 90 20.67 -3.68 -20.83
CA LYS A 90 21.71 -4.64 -21.22
C LYS A 90 21.26 -5.44 -22.43
N PHE A 91 19.97 -5.77 -22.49
CA PHE A 91 19.41 -6.61 -23.55
C PHE A 91 19.32 -5.84 -24.86
N GLU A 92 19.13 -4.51 -24.78
CA GLU A 92 18.93 -3.69 -25.97
C GLU A 92 19.55 -2.30 -25.75
N PRO A 93 20.89 -2.19 -25.62
CA PRO A 93 21.55 -0.89 -25.45
C PRO A 93 21.36 0.02 -26.66
N VAL A 94 21.34 -0.58 -27.85
CA VAL A 94 21.05 0.12 -29.10
C VAL A 94 19.59 -0.14 -29.46
N LYS A 95 18.80 0.94 -29.58
CA LYS A 95 17.39 0.83 -29.87
C LYS A 95 17.18 0.05 -31.17
N GLY A 96 16.32 -0.98 -31.11
CA GLY A 96 15.91 -1.73 -32.28
C GLY A 96 16.77 -2.97 -32.53
N LYS A 97 17.81 -3.18 -31.69
CA LYS A 97 18.74 -4.27 -31.87
C LYS A 97 18.87 -5.04 -30.56
N PRO A 98 17.85 -5.86 -30.21
CA PRO A 98 17.90 -6.68 -29.00
C PRO A 98 18.90 -7.84 -29.08
N ASP A 99 19.31 -8.33 -27.91
CA ASP A 99 20.33 -9.37 -27.81
C ASP A 99 19.64 -10.74 -27.72
N THR A 100 18.68 -10.95 -28.63
CA THR A 100 17.80 -12.11 -28.64
C THR A 100 18.60 -13.41 -28.76
N GLU A 101 19.51 -13.46 -29.75
CA GLU A 101 20.23 -14.68 -30.07
C GLU A 101 21.09 -15.14 -28.89
N SER A 102 21.77 -14.19 -28.25
CA SER A 102 22.66 -14.49 -27.14
C SER A 102 21.91 -15.26 -26.06
N LEU A 103 20.68 -14.84 -25.75
CA LEU A 103 19.94 -15.45 -24.66
C LEU A 103 19.17 -16.68 -25.12
N LYS A 104 18.88 -16.77 -26.42
CA LYS A 104 18.37 -18.02 -26.99
C LYS A 104 19.40 -19.13 -26.80
N ASN A 105 20.68 -18.82 -27.07
CA ASN A 105 21.76 -19.80 -26.98
C ASN A 105 21.95 -20.23 -25.52
N ALA A 106 21.79 -19.28 -24.59
CA ALA A 106 21.93 -19.54 -23.16
C ALA A 106 20.80 -20.42 -22.66
N ALA A 107 19.57 -20.13 -23.11
CA ALA A 107 18.38 -20.86 -22.68
C ALA A 107 18.39 -22.28 -23.25
N LYS A 108 18.81 -22.42 -24.51
CA LYS A 108 18.87 -23.72 -25.18
C LYS A 108 19.91 -24.62 -24.50
N TRP A 109 21.04 -24.04 -24.10
CA TRP A 109 22.08 -24.78 -23.40
C TRP A 109 21.56 -25.26 -22.05
N LEU A 110 20.98 -24.34 -21.27
CA LEU A 110 20.41 -24.66 -19.96
C LEU A 110 19.30 -25.70 -20.10
N GLN A 111 18.54 -25.64 -21.20
CA GLN A 111 17.46 -26.58 -21.43
C GLN A 111 17.99 -28.01 -21.56
N THR A 112 19.21 -28.17 -22.09
CA THR A 112 19.83 -29.49 -22.22
C THR A 112 20.28 -30.02 -20.85
N LYS A 113 20.39 -29.12 -19.86
CA LYS A 113 20.71 -29.51 -18.49
C LYS A 113 19.42 -29.82 -17.72
N GLY A 114 18.26 -29.57 -18.33
CA GLY A 114 16.97 -29.97 -17.79
C GLY A 114 16.51 -29.09 -16.63
N VAL A 115 16.88 -27.81 -16.65
CA VAL A 115 16.48 -26.87 -15.61
C VAL A 115 15.34 -26.00 -16.15
N GLU A 116 14.41 -25.65 -15.26
CA GLU A 116 13.36 -24.70 -15.53
C GLU A 116 13.99 -23.30 -15.66
N LEU A 117 13.39 -22.43 -16.49
CA LEU A 117 13.94 -21.11 -16.75
C LEU A 117 12.92 -20.01 -16.41
N LYS A 118 13.41 -18.91 -15.82
CA LYS A 118 12.65 -17.68 -15.69
C LYS A 118 13.50 -16.51 -16.19
N GLY A 119 12.86 -15.56 -16.89
CA GLY A 119 13.52 -14.34 -17.34
C GLY A 119 13.18 -13.17 -16.43
N HIS A 120 14.17 -12.29 -16.17
CA HIS A 120 14.03 -11.25 -15.16
C HIS A 120 14.85 -10.02 -15.52
N PRO A 121 14.32 -8.77 -15.45
CA PRO A 121 12.88 -8.48 -15.47
C PRO A 121 12.44 -7.78 -16.77
N LEU A 122 11.18 -7.98 -17.16
CA LEU A 122 10.66 -7.38 -18.39
C LEU A 122 10.46 -5.87 -18.22
N CYS A 123 10.03 -5.44 -17.02
CA CYS A 123 9.78 -4.02 -16.74
C CYS A 123 10.34 -3.65 -15.38
N TRP A 124 11.31 -2.72 -15.36
CA TRP A 124 11.96 -2.28 -14.14
C TRP A 124 12.64 -0.93 -14.37
N HIS A 125 12.68 -0.10 -13.32
CA HIS A 125 13.20 1.25 -13.41
C HIS A 125 14.74 1.26 -13.43
N THR A 126 15.36 0.21 -12.88
CA THR A 126 16.81 0.08 -12.82
C THR A 126 17.28 -0.75 -14.01
N GLU A 127 18.38 -0.30 -14.63
CA GLU A 127 18.98 -0.95 -15.79
C GLU A 127 17.94 -1.16 -16.91
N THR A 128 17.07 -0.15 -17.10
CA THR A 128 16.16 -0.14 -18.23
C THR A 128 16.88 0.52 -19.41
N ALA A 129 16.15 0.72 -20.51
CA ALA A 129 16.71 1.29 -21.73
C ALA A 129 16.96 2.79 -21.54
N PRO A 130 18.23 3.27 -21.61
CA PRO A 130 18.53 4.69 -21.40
C PRO A 130 17.89 5.63 -22.42
N TRP A 131 17.67 5.15 -23.64
CA TRP A 131 17.17 5.96 -24.74
C TRP A 131 15.69 6.31 -24.56
N LEU A 132 15.04 5.71 -23.55
CA LEU A 132 13.66 6.03 -23.21
C LEU A 132 13.52 7.52 -22.83
N LEU A 133 14.57 8.10 -22.24
CA LEU A 133 14.51 9.45 -21.70
C LEU A 133 14.33 10.50 -22.81
N ASP A 134 14.49 10.10 -24.08
CA ASP A 134 14.31 11.00 -25.21
C ASP A 134 12.89 10.93 -25.76
N MET A 135 12.09 9.96 -25.27
CA MET A 135 10.75 9.73 -25.78
C MET A 135 9.74 10.36 -24.83
N SER A 136 8.52 10.61 -25.32
CA SER A 136 7.41 11.02 -24.48
C SER A 136 6.93 9.82 -23.65
N ASN A 137 6.19 10.09 -22.57
CA ASN A 137 5.64 9.03 -21.72
C ASN A 137 4.77 8.09 -22.56
N SER A 138 3.98 8.66 -23.46
CA SER A 138 3.12 7.92 -24.37
C SER A 138 3.93 6.88 -25.16
N GLU A 139 5.08 7.32 -25.68
CA GLU A 139 5.97 6.47 -26.48
C GLU A 139 6.69 5.45 -25.60
N ILE A 140 7.15 5.88 -24.42
CA ILE A 140 7.84 4.99 -23.49
C ILE A 140 6.95 3.79 -23.19
N PHE A 141 5.69 4.08 -22.81
CA PHE A 141 4.73 3.03 -22.48
C PHE A 141 4.50 2.12 -23.68
N SER A 142 4.28 2.74 -24.84
CA SER A 142 4.05 2.01 -26.08
C SER A 142 5.21 1.08 -26.40
N THR A 143 6.44 1.53 -26.12
CA THR A 143 7.66 0.79 -26.43
C THR A 143 7.88 -0.34 -25.42
N GLN A 144 7.55 -0.10 -24.15
CA GLN A 144 7.68 -1.09 -23.10
C GLN A 144 6.74 -2.26 -23.37
N ILE A 145 5.53 -1.95 -23.86
CA ILE A 145 4.54 -2.97 -24.20
C ILE A 145 5.03 -3.80 -25.38
N LYS A 146 5.61 -3.15 -26.40
CA LYS A 146 6.15 -3.83 -27.57
C LYS A 146 7.35 -4.70 -27.18
N ARG A 147 8.17 -4.22 -26.23
CA ARG A 147 9.30 -4.99 -25.73
C ARG A 147 8.80 -6.31 -25.16
N ILE A 148 7.70 -6.25 -24.40
CA ILE A 148 7.14 -7.42 -23.74
C ILE A 148 6.61 -8.40 -24.79
N HIS A 149 5.79 -7.89 -25.71
CA HIS A 149 5.24 -8.72 -26.78
C HIS A 149 6.37 -9.48 -27.48
N ARG A 150 7.39 -8.73 -27.90
CA ARG A 150 8.50 -9.25 -28.69
C ARG A 150 9.22 -10.37 -27.94
N ASP A 151 9.67 -10.08 -26.72
CA ASP A 151 10.56 -10.96 -25.99
C ASP A 151 9.80 -12.18 -25.46
N VAL A 152 8.55 -12.00 -25.02
CA VAL A 152 7.76 -13.12 -24.52
C VAL A 152 7.42 -14.06 -25.68
N THR A 153 7.16 -13.48 -26.87
CA THR A 153 6.83 -14.27 -28.05
C THR A 153 8.04 -15.05 -28.54
N ASP A 154 9.22 -14.39 -28.61
CA ASP A 154 10.43 -15.00 -29.14
C ASP A 154 10.89 -16.18 -28.29
N PHE A 155 10.60 -16.14 -26.98
CA PHE A 155 11.10 -17.14 -26.04
C PHE A 155 10.00 -18.11 -25.61
N LYS A 156 8.80 -17.96 -26.18
CA LYS A 156 7.70 -18.88 -25.94
C LYS A 156 8.15 -20.32 -26.27
N GLY A 157 7.86 -21.24 -25.35
CA GLY A 157 8.27 -22.63 -25.49
C GLY A 157 9.67 -22.89 -24.91
N LEU A 158 10.40 -21.82 -24.58
CA LEU A 158 11.80 -21.92 -24.18
C LEU A 158 12.01 -21.25 -22.82
N ILE A 159 11.51 -20.01 -22.67
CA ILE A 159 11.32 -19.40 -21.36
C ILE A 159 9.84 -19.05 -21.22
N ASP A 160 9.18 -19.71 -20.27
CA ASP A 160 7.74 -19.59 -20.08
C ASP A 160 7.42 -19.11 -18.66
N MET A 161 8.42 -18.51 -17.99
CA MET A 161 8.19 -17.88 -16.70
C MET A 161 8.89 -16.53 -16.71
N TRP A 162 8.23 -15.49 -16.17
CA TRP A 162 8.74 -14.14 -16.24
C TRP A 162 8.43 -13.36 -14.95
N ASP A 163 9.45 -12.64 -14.45
CA ASP A 163 9.23 -11.47 -13.62
C ASP A 163 8.81 -10.35 -14.55
N VAL A 164 7.49 -10.11 -14.65
CA VAL A 164 6.95 -9.20 -15.64
C VAL A 164 7.32 -7.77 -15.26
N ILE A 165 7.16 -7.46 -13.96
CA ILE A 165 7.44 -6.13 -13.46
C ILE A 165 7.98 -6.25 -12.04
N ASN A 166 8.87 -5.31 -11.69
CA ASN A 166 9.78 -5.45 -10.55
C ASN A 166 9.74 -4.16 -9.73
N GLU A 167 9.54 -4.31 -8.40
CA GLU A 167 9.72 -3.26 -7.41
C GLU A 167 8.78 -2.09 -7.68
N VAL A 168 7.48 -2.42 -7.74
CA VAL A 168 6.46 -1.48 -8.16
C VAL A 168 6.14 -0.51 -7.02
N VAL A 169 6.37 -0.92 -5.76
CA VAL A 169 6.09 -0.05 -4.62
C VAL A 169 6.93 1.22 -4.71
N ILE A 170 8.24 1.09 -5.00
CA ILE A 170 9.13 2.25 -5.04
C ILE A 170 9.19 2.86 -6.44
N MET A 171 8.82 2.07 -7.46
CA MET A 171 9.02 2.43 -8.86
C MET A 171 8.64 3.89 -9.14
N PRO A 172 7.42 4.38 -8.80
CA PRO A 172 7.06 5.77 -9.12
C PRO A 172 7.73 6.85 -8.27
N ILE A 173 8.29 6.48 -7.12
CA ILE A 173 8.88 7.45 -6.21
C ILE A 173 10.41 7.27 -6.17
N PHE A 174 10.95 6.51 -7.13
CA PHE A 174 12.38 6.29 -7.22
C PHE A 174 13.07 7.58 -7.66
N ASP A 175 14.07 8.04 -6.88
CA ASP A 175 14.67 9.35 -7.08
C ASP A 175 16.20 9.28 -7.25
N LYS A 176 16.78 8.08 -7.37
CA LYS A 176 18.23 7.95 -7.49
C LYS A 176 18.69 8.42 -8.86
N TYR A 177 17.87 8.20 -9.90
CA TYR A 177 18.16 8.70 -11.23
C TYR A 177 16.88 8.67 -12.06
N ASP A 178 16.85 9.54 -13.08
CA ASP A 178 15.75 9.59 -14.02
C ASP A 178 15.78 8.33 -14.88
N ASN A 179 14.61 7.72 -15.09
CA ASN A 179 14.45 6.60 -16.00
C ASN A 179 13.04 6.62 -16.56
N GLY A 180 12.84 5.93 -17.68
CA GLY A 180 11.57 5.98 -18.40
C GLY A 180 10.43 5.29 -17.67
N ILE A 181 10.75 4.29 -16.85
CA ILE A 181 9.74 3.44 -16.25
C ILE A 181 9.13 4.13 -15.03
N THR A 182 9.96 4.77 -14.20
CA THR A 182 9.48 5.62 -13.13
C THR A 182 8.54 6.69 -13.68
N ARG A 183 8.91 7.28 -14.82
CA ARG A 183 8.13 8.33 -15.45
C ARG A 183 6.72 7.86 -15.78
N ILE A 184 6.60 6.73 -16.49
CA ILE A 184 5.29 6.25 -16.93
C ILE A 184 4.49 5.72 -15.73
N CYS A 185 5.18 5.13 -14.74
CA CYS A 185 4.48 4.61 -13.56
C CYS A 185 3.93 5.75 -12.70
N LYS A 186 4.66 6.86 -12.64
CA LYS A 186 4.19 8.05 -11.95
C LYS A 186 3.02 8.67 -12.72
N ASP A 187 3.08 8.57 -14.05
CA ASP A 187 2.08 9.17 -14.93
C ASP A 187 0.76 8.42 -14.81
N MET A 188 0.77 7.10 -15.09
CA MET A 188 -0.48 6.34 -15.20
C MET A 188 -0.81 5.61 -13.90
N GLY A 189 0.16 5.51 -12.98
CA GLY A 189 -0.06 4.84 -11.70
C GLY A 189 0.37 3.37 -11.71
N ARG A 190 0.71 2.88 -10.52
CA ARG A 190 1.23 1.53 -10.33
C ARG A 190 0.25 0.51 -10.91
N ILE A 191 -1.04 0.68 -10.60
CA ILE A 191 -2.01 -0.37 -10.87
C ILE A 191 -2.29 -0.48 -12.38
N LYS A 192 -2.46 0.66 -13.05
CA LYS A 192 -2.71 0.64 -14.49
C LYS A 192 -1.52 0.06 -15.24
N LEU A 193 -0.29 0.43 -14.83
CA LEU A 193 0.90 -0.04 -15.52
C LEU A 193 1.02 -1.55 -15.38
N VAL A 194 0.87 -2.06 -14.14
CA VAL A 194 0.99 -3.49 -13.88
C VAL A 194 -0.04 -4.25 -14.71
N ARG A 195 -1.28 -3.75 -14.75
CA ARG A 195 -2.35 -4.42 -15.46
C ARG A 195 -1.97 -4.60 -16.93
N GLU A 196 -1.41 -3.54 -17.52
CA GLU A 196 -1.13 -3.53 -18.96
C GLU A 196 0.05 -4.45 -19.31
N VAL A 197 1.08 -4.50 -18.45
CA VAL A 197 2.25 -5.32 -18.74
C VAL A 197 1.90 -6.80 -18.60
N PHE A 198 1.04 -7.14 -17.62
CA PHE A 198 0.56 -8.51 -17.45
C PHE A 198 -0.34 -8.93 -18.62
N LYS A 199 -1.20 -8.01 -19.06
CA LYS A 199 -2.08 -8.25 -20.21
C LYS A 199 -1.25 -8.58 -21.44
N ALA A 200 -0.23 -7.74 -21.71
CA ALA A 200 0.62 -7.88 -22.88
C ALA A 200 1.38 -9.21 -22.87
N ALA A 201 1.91 -9.58 -21.70
CA ALA A 201 2.69 -10.81 -21.57
C ALA A 201 1.80 -12.03 -21.77
N ARG A 202 0.57 -11.99 -21.23
CA ARG A 202 -0.39 -13.06 -21.38
C ARG A 202 -0.80 -13.21 -22.85
N GLU A 203 -0.95 -12.07 -23.54
CA GLU A 203 -1.31 -12.05 -24.95
C GLU A 203 -0.27 -12.78 -25.80
N SER A 204 1.01 -12.67 -25.39
CA SER A 204 2.11 -13.23 -26.16
C SER A 204 2.39 -14.68 -25.78
N ASN A 205 1.96 -15.13 -24.59
CA ASN A 205 2.22 -16.48 -24.13
C ASN A 205 1.12 -16.91 -23.15
N PRO A 206 0.04 -17.54 -23.66
CA PRO A 206 -1.01 -18.09 -22.80
C PRO A 206 -0.56 -19.05 -21.69
N ASN A 207 0.58 -19.71 -21.87
CA ASN A 207 1.03 -20.74 -20.94
C ASN A 207 2.10 -20.23 -19.98
N ALA A 208 2.39 -18.92 -20.01
CA ALA A 208 3.46 -18.34 -19.22
C ALA A 208 3.05 -18.23 -17.75
N THR A 209 4.02 -18.46 -16.85
CA THR A 209 3.89 -18.12 -15.44
C THR A 209 4.38 -16.68 -15.26
N LEU A 210 3.47 -15.79 -14.84
CA LEU A 210 3.74 -14.37 -14.77
C LEU A 210 3.82 -13.92 -13.31
N LEU A 211 4.99 -13.40 -12.89
CA LEU A 211 5.23 -12.92 -11.55
C LEU A 211 5.29 -11.40 -11.49
N ILE A 212 4.78 -10.85 -10.39
CA ILE A 212 5.22 -9.56 -9.87
C ILE A 212 6.22 -9.84 -8.75
N ASN A 213 7.23 -8.97 -8.64
CA ASN A 213 8.36 -9.19 -7.74
C ASN A 213 8.61 -7.90 -6.97
N ASP A 214 9.09 -8.03 -5.72
CA ASP A 214 9.41 -6.86 -4.92
C ASP A 214 10.23 -7.28 -3.70
N PHE A 215 11.00 -6.32 -3.16
CA PHE A 215 11.74 -6.50 -1.91
C PHE A 215 10.90 -5.99 -0.75
N GLU A 216 9.93 -5.13 -1.05
CA GLU A 216 9.06 -4.54 -0.05
C GLU A 216 8.20 -5.63 0.58
N THR A 217 8.40 -5.87 1.88
CA THR A 217 7.64 -6.90 2.59
C THR A 217 6.63 -6.29 3.57
N SER A 218 6.55 -4.95 3.66
CA SER A 218 5.58 -4.32 4.54
C SER A 218 4.20 -4.32 3.87
N GLU A 219 3.21 -3.73 4.53
CA GLU A 219 1.83 -3.81 4.07
C GLU A 219 1.62 -3.06 2.75
N SER A 220 2.59 -2.24 2.31
CA SER A 220 2.44 -1.53 1.06
C SER A 220 2.44 -2.50 -0.13
N TYR A 221 3.18 -3.61 -0.02
CA TYR A 221 3.24 -4.58 -1.11
C TYR A 221 1.98 -5.45 -1.13
N ASP A 222 1.50 -5.89 0.05
CA ASP A 222 0.32 -6.73 0.10
C ASP A 222 -0.92 -5.89 -0.24
N ILE A 223 -0.92 -4.59 0.11
CA ILE A 223 -2.02 -3.72 -0.27
C ILE A 223 -2.02 -3.53 -1.78
N LEU A 224 -0.84 -3.32 -2.38
CA LEU A 224 -0.72 -3.20 -3.83
C LEU A 224 -1.31 -4.44 -4.51
N ILE A 225 -0.91 -5.62 -4.05
CA ILE A 225 -1.34 -6.89 -4.63
C ILE A 225 -2.85 -7.03 -4.51
N GLU A 226 -3.42 -6.64 -3.36
CA GLU A 226 -4.86 -6.70 -3.16
C GLU A 226 -5.57 -5.79 -4.16
N GLY A 227 -5.02 -4.60 -4.40
CA GLY A 227 -5.56 -3.67 -5.38
C GLY A 227 -5.49 -4.22 -6.81
N LEU A 228 -4.37 -4.86 -7.15
CA LEU A 228 -4.20 -5.45 -8.47
C LEU A 228 -5.23 -6.55 -8.71
N LEU A 229 -5.41 -7.44 -7.72
CA LEU A 229 -6.31 -8.57 -7.86
C LEU A 229 -7.76 -8.08 -7.97
N GLU A 230 -8.11 -7.04 -7.21
CA GLU A 230 -9.45 -6.49 -7.22
C GLU A 230 -9.72 -5.71 -8.51
N SER A 231 -8.67 -5.26 -9.20
CA SER A 231 -8.79 -4.56 -10.47
C SER A 231 -8.69 -5.50 -11.67
N GLY A 232 -8.70 -6.83 -11.42
CA GLY A 232 -8.81 -7.82 -12.48
C GLY A 232 -7.48 -8.35 -13.00
N VAL A 233 -6.35 -7.91 -12.41
CA VAL A 233 -5.04 -8.43 -12.79
C VAL A 233 -4.92 -9.86 -12.26
N HIS A 234 -4.48 -10.77 -13.13
CA HIS A 234 -4.33 -12.17 -12.77
C HIS A 234 -2.85 -12.47 -12.60
N ILE A 235 -2.45 -12.72 -11.35
CA ILE A 235 -1.05 -12.95 -10.99
C ILE A 235 -0.88 -14.44 -10.72
N ASP A 236 0.11 -15.07 -11.38
CA ASP A 236 0.33 -16.49 -11.24
C ASP A 236 1.15 -16.80 -9.99
N ALA A 237 2.06 -15.89 -9.61
CA ALA A 237 2.83 -16.08 -8.39
C ALA A 237 3.31 -14.72 -7.85
N ILE A 238 3.35 -14.62 -6.52
CA ILE A 238 3.86 -13.43 -5.85
C ILE A 238 5.34 -13.63 -5.57
N GLY A 239 6.19 -12.78 -6.15
CA GLY A 239 7.62 -12.80 -5.92
C GLY A 239 8.02 -11.90 -4.75
N ILE A 240 8.77 -12.47 -3.80
CA ILE A 240 9.31 -11.75 -2.65
C ILE A 240 10.83 -11.96 -2.62
N GLN A 241 11.57 -10.84 -2.69
CA GLN A 241 13.01 -10.86 -2.56
C GLN A 241 13.38 -10.97 -1.09
N SER A 242 14.61 -11.43 -0.84
CA SER A 242 15.03 -11.87 0.47
C SER A 242 16.53 -11.64 0.62
N HIS A 243 16.98 -10.42 0.28
CA HIS A 243 18.38 -10.04 0.35
C HIS A 243 18.71 -9.63 1.78
N MET A 244 19.41 -10.51 2.51
CA MET A 244 19.53 -10.38 3.95
C MET A 244 20.99 -10.12 4.34
N HIS A 245 21.65 -9.23 3.58
CA HIS A 245 23.02 -8.81 3.85
C HIS A 245 23.14 -8.18 5.24
N GLN A 246 22.06 -7.53 5.69
CA GLN A 246 22.03 -6.82 6.97
C GLN A 246 21.65 -7.78 8.12
N GLY A 247 21.46 -9.07 7.82
CA GLY A 247 21.21 -10.07 8.85
C GLY A 247 19.99 -10.93 8.49
N TYR A 248 20.10 -12.23 8.75
CA TYR A 248 19.01 -13.15 8.54
C TYR A 248 17.76 -12.64 9.28
N TRP A 249 16.60 -12.77 8.63
CA TRP A 249 15.33 -12.30 9.16
C TRP A 249 14.97 -13.00 10.47
N GLY A 250 15.31 -14.29 10.57
CA GLY A 250 14.80 -15.14 11.62
C GLY A 250 13.49 -15.78 11.19
N VAL A 251 13.12 -16.87 11.88
CA VAL A 251 11.96 -17.68 11.54
C VAL A 251 10.67 -16.89 11.76
N GLU A 252 10.58 -16.16 12.88
CA GLU A 252 9.36 -15.49 13.27
C GLU A 252 8.95 -14.44 12.24
N LYS A 253 9.91 -13.60 11.82
CA LYS A 253 9.67 -12.56 10.84
C LYS A 253 9.31 -13.16 9.48
N THR A 254 10.02 -14.24 9.09
CA THR A 254 9.75 -14.92 7.84
C THR A 254 8.31 -15.43 7.83
N GLN A 255 7.85 -15.98 8.96
CA GLN A 255 6.55 -16.63 9.02
C GLN A 255 5.43 -15.59 9.06
N GLU A 256 5.69 -14.41 9.63
CA GLU A 256 4.69 -13.34 9.62
C GLU A 256 4.45 -12.90 8.18
N ILE A 257 5.53 -12.78 7.40
CA ILE A 257 5.46 -12.42 5.99
C ILE A 257 4.74 -13.49 5.17
N LEU A 258 5.07 -14.77 5.40
CA LEU A 258 4.45 -15.87 4.69
C LEU A 258 2.94 -15.89 4.95
N GLU A 259 2.53 -15.77 6.22
CA GLU A 259 1.12 -15.83 6.58
C GLU A 259 0.36 -14.69 5.91
N ARG A 260 0.94 -13.48 5.95
CA ARG A 260 0.25 -12.29 5.47
C ARG A 260 0.05 -12.34 3.94
N PHE A 261 1.06 -12.83 3.21
CA PHE A 261 1.00 -12.89 1.75
C PHE A 261 0.26 -14.15 1.28
N SER A 262 -0.07 -15.04 2.22
CA SER A 262 -0.74 -16.30 1.91
C SER A 262 -2.26 -16.11 1.82
N ARG A 263 -2.76 -14.95 2.24
CA ARG A 263 -4.20 -14.71 2.26
C ARG A 263 -4.76 -14.71 0.84
N PHE A 264 -3.89 -14.48 -0.17
CA PHE A 264 -4.31 -14.41 -1.56
C PHE A 264 -4.46 -15.81 -2.17
N LYS A 265 -3.92 -16.83 -1.49
CA LYS A 265 -3.99 -18.22 -1.92
C LYS A 265 -3.32 -18.39 -3.29
N LEU A 266 -2.27 -17.60 -3.55
CA LEU A 266 -1.48 -17.70 -4.75
C LEU A 266 -0.12 -18.28 -4.39
N PRO A 267 0.54 -19.01 -5.32
CA PRO A 267 1.93 -19.43 -5.13
C PRO A 267 2.82 -18.26 -4.74
N ILE A 268 3.78 -18.51 -3.83
CA ILE A 268 4.76 -17.51 -3.44
C ILE A 268 6.12 -18.01 -3.87
N HIS A 269 6.87 -17.14 -4.59
CA HIS A 269 8.24 -17.45 -4.94
C HIS A 269 9.18 -16.55 -4.13
N PHE A 270 10.16 -17.16 -3.47
CA PHE A 270 11.27 -16.42 -2.90
C PHE A 270 12.35 -16.31 -3.98
N THR A 271 12.42 -15.12 -4.58
CA THR A 271 12.98 -14.92 -5.92
C THR A 271 14.47 -14.61 -5.89
N GLU A 272 14.97 -14.01 -4.80
CA GLU A 272 16.34 -13.54 -4.72
C GLU A 272 16.83 -13.62 -3.27
N ASN A 273 17.61 -14.65 -2.96
CA ASN A 273 18.05 -14.90 -1.59
C ASN A 273 19.53 -14.57 -1.46
N THR A 274 19.87 -13.87 -0.37
CA THR A 274 21.25 -13.61 -0.01
C THR A 274 21.43 -13.69 1.50
N LEU A 275 22.41 -14.50 1.91
CA LEU A 275 23.07 -14.41 3.19
C LEU A 275 24.57 -14.31 2.92
N VAL A 276 25.26 -13.45 3.68
CA VAL A 276 26.68 -13.23 3.48
C VAL A 276 27.46 -14.06 4.50
N SER A 277 28.71 -14.42 4.13
CA SER A 277 29.60 -15.17 5.00
C SER A 277 30.76 -14.30 5.48
N GLY A 278 30.61 -12.97 5.35
CA GLY A 278 31.52 -12.01 5.95
C GLY A 278 30.77 -11.15 6.95
N HIS A 279 31.34 -9.98 7.28
CA HIS A 279 30.67 -9.04 8.17
C HIS A 279 29.34 -8.63 7.55
N LEU A 280 28.32 -8.45 8.41
CA LEU A 280 27.01 -8.00 7.97
C LEU A 280 27.14 -6.59 7.40
N MET A 281 26.13 -6.21 6.62
CA MET A 281 26.02 -4.85 6.11
C MET A 281 25.39 -3.99 7.20
N PRO A 282 25.87 -2.74 7.42
CA PRO A 282 25.28 -1.87 8.43
C PRO A 282 23.76 -1.77 8.28
N PRO A 283 23.01 -1.78 9.41
CA PRO A 283 21.54 -1.87 9.34
C PRO A 283 20.80 -0.63 8.84
N GLU A 284 21.45 0.54 8.85
CA GLU A 284 20.77 1.79 8.54
C GLU A 284 20.73 2.06 7.04
N ILE A 285 21.42 1.24 6.23
CA ILE A 285 21.43 1.43 4.78
C ILE A 285 20.08 1.02 4.21
N VAL A 286 19.40 1.94 3.51
CA VAL A 286 18.06 1.70 2.99
C VAL A 286 18.17 0.97 1.65
N ASP A 287 18.76 1.63 0.64
CA ASP A 287 18.97 1.09 -0.69
C ASP A 287 20.35 0.41 -0.71
N LEU A 288 20.34 -0.92 -0.85
CA LEU A 288 21.52 -1.75 -0.73
C LEU A 288 22.61 -1.36 -1.74
N ASN A 289 22.22 -0.76 -2.88
CA ASN A 289 23.17 -0.39 -3.92
C ASN A 289 24.10 0.72 -3.46
N ASP A 290 23.74 1.44 -2.38
CA ASP A 290 24.52 2.55 -1.86
C ASP A 290 25.74 2.06 -1.08
N TYR A 291 25.71 0.79 -0.65
CA TYR A 291 26.83 0.19 0.06
C TYR A 291 27.91 -0.24 -0.93
N GLN A 292 28.78 0.72 -1.28
CA GLN A 292 29.87 0.50 -2.20
C GLN A 292 31.18 0.49 -1.42
N ILE A 293 31.65 -0.71 -1.04
CA ILE A 293 32.93 -0.88 -0.37
C ILE A 293 33.90 -1.61 -1.30
N PRO A 294 35.22 -1.35 -1.21
CA PRO A 294 36.20 -1.97 -2.12
C PRO A 294 36.32 -3.48 -1.95
N GLU A 295 36.18 -3.97 -0.71
CA GLU A 295 36.42 -5.37 -0.42
C GLU A 295 35.60 -5.83 0.78
N TRP A 296 35.16 -7.09 0.70
CA TRP A 296 34.17 -7.65 1.61
C TRP A 296 34.44 -9.14 1.75
N PRO A 297 35.48 -9.54 2.52
CA PRO A 297 35.95 -10.92 2.52
C PRO A 297 35.05 -11.88 3.28
N SER A 298 35.06 -13.14 2.85
CA SER A 298 34.43 -14.23 3.59
C SER A 298 35.31 -14.59 4.78
N THR A 299 34.68 -14.89 5.92
CA THR A 299 35.38 -15.35 7.12
C THR A 299 34.94 -16.76 7.44
N PRO A 300 35.78 -17.58 8.14
CA PRO A 300 35.36 -18.92 8.58
C PRO A 300 34.09 -18.98 9.42
N GLU A 301 33.97 -18.09 10.42
CA GLU A 301 32.81 -18.10 11.31
C GLU A 301 31.59 -17.54 10.58
N GLY A 302 31.85 -16.64 9.62
CA GLY A 302 30.82 -16.12 8.74
C GLY A 302 30.24 -17.19 7.82
N GLU A 303 31.09 -18.14 7.39
CA GLU A 303 30.68 -19.26 6.54
C GLU A 303 29.85 -20.28 7.33
N GLU A 304 30.19 -20.45 8.61
CA GLU A 304 29.43 -21.32 9.51
C GLU A 304 28.04 -20.71 9.75
N ARG A 305 28.00 -19.40 10.00
CA ARG A 305 26.75 -18.67 10.18
C ARG A 305 25.91 -18.75 8.90
N GLN A 306 26.54 -18.50 7.74
CA GLN A 306 25.85 -18.49 6.46
C GLN A 306 25.15 -19.83 6.21
N ALA A 307 25.87 -20.94 6.50
CA ALA A 307 25.38 -22.28 6.27
C ALA A 307 24.18 -22.59 7.17
N GLN A 308 24.32 -22.31 8.47
CA GLN A 308 23.27 -22.58 9.46
C GLN A 308 22.02 -21.75 9.15
N GLU A 309 22.22 -20.46 8.82
CA GLU A 309 21.10 -19.56 8.55
C GLU A 309 20.40 -19.95 7.26
N ALA A 310 21.16 -20.42 6.26
CA ALA A 310 20.61 -20.80 4.97
C ALA A 310 19.74 -22.05 5.12
N VAL A 311 20.16 -22.98 5.97
CA VAL A 311 19.39 -24.20 6.23
C VAL A 311 18.06 -23.83 6.89
N THR A 312 18.13 -22.95 7.91
CA THR A 312 16.95 -22.51 8.63
C THR A 312 15.98 -21.79 7.69
N HIS A 313 16.52 -20.99 6.77
CA HIS A 313 15.72 -20.23 5.82
C HIS A 313 15.00 -21.17 4.85
N TYR A 314 15.76 -22.06 4.21
CA TYR A 314 15.20 -23.00 3.25
C TYR A 314 14.15 -23.88 3.92
N LYS A 315 14.44 -24.36 5.14
CA LYS A 315 13.50 -25.18 5.89
C LYS A 315 12.18 -24.44 6.12
N THR A 316 12.27 -23.17 6.55
CA THR A 316 11.11 -22.37 6.89
C THR A 316 10.21 -22.20 5.67
N LEU A 317 10.83 -21.97 4.50
CA LEU A 317 10.12 -21.71 3.26
C LEU A 317 9.52 -22.99 2.68
N PHE A 318 10.30 -24.07 2.66
CA PHE A 318 9.87 -25.36 2.14
C PHE A 318 8.70 -25.88 2.97
N SER A 319 8.68 -25.55 4.27
CA SER A 319 7.64 -25.97 5.18
C SER A 319 6.30 -25.29 4.90
N HIS A 320 6.34 -24.12 4.24
CA HIS A 320 5.13 -23.36 3.99
C HIS A 320 4.50 -23.80 2.67
N PRO A 321 3.28 -24.40 2.68
CA PRO A 321 2.67 -24.99 1.49
C PRO A 321 2.64 -24.12 0.22
N LEU A 322 2.30 -22.84 0.36
CA LEU A 322 2.09 -21.97 -0.80
C LEU A 322 3.42 -21.57 -1.46
N VAL A 323 4.55 -21.71 -0.76
CA VAL A 323 5.85 -21.43 -1.38
C VAL A 323 6.13 -22.51 -2.42
N GLU A 324 6.58 -22.11 -3.61
CA GLU A 324 6.78 -23.04 -4.72
C GLU A 324 8.16 -22.91 -5.37
N ALA A 325 8.95 -21.93 -4.95
CA ALA A 325 10.29 -21.75 -5.50
C ALA A 325 11.16 -20.97 -4.50
N ILE A 326 12.43 -21.36 -4.42
CA ILE A 326 13.45 -20.62 -3.70
C ILE A 326 14.66 -20.46 -4.62
N THR A 327 15.00 -19.21 -4.94
CA THR A 327 16.08 -18.89 -5.86
C THR A 327 17.17 -18.11 -5.13
N TRP A 328 18.38 -18.69 -5.07
CA TRP A 328 19.57 -18.00 -4.59
C TRP A 328 20.03 -17.02 -5.66
N TRP A 329 20.66 -15.91 -5.24
CA TRP A 329 20.97 -14.85 -6.18
C TRP A 329 22.36 -15.02 -6.81
N ASP A 330 23.40 -15.14 -5.97
CA ASP A 330 24.78 -15.26 -6.45
C ASP A 330 25.36 -16.61 -6.03
N PHE A 331 25.71 -17.45 -7.01
CA PHE A 331 26.34 -18.74 -6.72
C PHE A 331 27.79 -18.58 -6.31
N VAL A 332 28.45 -17.52 -6.77
CA VAL A 332 29.87 -17.32 -6.47
C VAL A 332 30.06 -15.98 -5.75
N ASP A 333 30.98 -15.99 -4.77
CA ASP A 333 31.35 -14.84 -3.97
C ASP A 333 31.83 -13.71 -4.88
N GLY A 334 31.56 -12.47 -4.48
CA GLY A 334 32.07 -11.28 -5.15
C GLY A 334 31.20 -10.83 -6.33
N GLY A 335 29.92 -11.25 -6.32
CA GLY A 335 28.98 -10.83 -7.33
C GLY A 335 28.40 -9.44 -7.02
N TRP A 336 27.09 -9.40 -6.73
CA TRP A 336 26.41 -8.16 -6.40
C TRP A 336 26.98 -7.57 -5.10
N LEU A 337 27.40 -6.30 -5.17
CA LEU A 337 28.00 -5.56 -4.06
C LEU A 337 29.33 -6.17 -3.65
N LYS A 338 29.93 -6.99 -4.52
CA LYS A 338 31.16 -7.74 -4.24
C LYS A 338 31.05 -8.49 -2.90
N ALA A 339 29.83 -8.94 -2.56
CA ALA A 339 29.58 -9.54 -1.27
C ALA A 339 30.01 -11.00 -1.27
N PRO A 340 30.40 -11.56 -0.11
CA PRO A 340 30.61 -13.01 0.03
C PRO A 340 29.27 -13.73 0.18
N SER A 341 28.46 -13.67 -0.88
CA SER A 341 27.07 -14.11 -0.83
C SER A 341 26.88 -15.42 -1.57
N GLY A 342 27.99 -16.09 -1.94
CA GLY A 342 27.95 -17.26 -2.79
C GLY A 342 28.04 -18.58 -2.01
N PHE A 343 28.02 -19.69 -2.76
CA PHE A 343 28.27 -21.03 -2.23
C PHE A 343 29.69 -21.48 -2.57
N ILE A 344 30.33 -20.76 -3.49
CA ILE A 344 31.66 -21.07 -3.98
C ILE A 344 32.45 -19.76 -4.07
N THR A 345 33.74 -19.81 -3.75
CA THR A 345 34.61 -18.64 -3.85
C THR A 345 35.05 -18.48 -5.31
N GLN A 346 35.79 -17.40 -5.57
CA GLN A 346 36.21 -17.05 -6.92
C GLN A 346 37.34 -17.98 -7.39
N ASP A 347 38.09 -18.55 -6.44
CA ASP A 347 39.13 -19.53 -6.71
C ASP A 347 38.58 -20.95 -6.53
N ASN A 348 37.25 -21.10 -6.63
CA ASN A 348 36.57 -22.39 -6.72
C ASN A 348 36.71 -23.21 -5.45
N ARG A 349 36.69 -22.57 -4.27
CA ARG A 349 36.58 -23.31 -3.01
C ARG A 349 35.10 -23.47 -2.67
N VAL A 350 34.68 -24.72 -2.46
CA VAL A 350 33.31 -25.02 -2.09
C VAL A 350 33.10 -24.68 -0.62
N LYS A 351 32.17 -23.75 -0.34
CA LYS A 351 31.95 -23.23 1.00
C LYS A 351 31.02 -24.17 1.76
N PRO A 352 31.05 -24.14 3.12
CA PRO A 352 30.12 -24.94 3.93
C PRO A 352 28.64 -24.91 3.53
N ILE A 353 28.16 -23.74 3.07
CA ILE A 353 26.76 -23.58 2.70
C ILE A 353 26.37 -24.55 1.58
N TYR A 354 27.28 -24.82 0.65
CA TYR A 354 27.03 -25.77 -0.43
C TYR A 354 26.79 -27.17 0.14
N HIS A 355 27.67 -27.60 1.06
CA HIS A 355 27.57 -28.92 1.66
C HIS A 355 26.28 -29.04 2.47
N ALA A 356 25.90 -27.94 3.13
CA ALA A 356 24.73 -27.91 3.99
C ALA A 356 23.43 -28.03 3.18
N LEU A 357 23.34 -27.25 2.09
CA LEU A 357 22.14 -27.20 1.28
C LEU A 357 22.07 -28.39 0.33
N HIS A 358 23.23 -28.89 -0.11
CA HIS A 358 23.26 -30.10 -0.90
C HIS A 358 22.70 -31.26 -0.08
N ASP A 359 23.12 -31.38 1.18
CA ASP A 359 22.60 -32.42 2.06
C ASP A 359 21.10 -32.23 2.29
N LEU A 360 20.64 -30.98 2.39
CA LEU A 360 19.25 -30.68 2.69
C LEU A 360 18.36 -31.06 1.50
N ILE A 361 18.79 -30.66 0.30
CA ILE A 361 17.96 -30.75 -0.89
C ILE A 361 18.09 -32.14 -1.52
N LYS A 362 19.31 -32.68 -1.54
CA LYS A 362 19.60 -33.89 -2.30
C LYS A 362 19.72 -35.11 -1.39
N ASN A 363 19.44 -34.97 -0.09
CA ASN A 363 19.48 -36.09 0.84
C ASN A 363 18.24 -36.06 1.72
N GLN A 364 18.12 -35.04 2.58
CA GLN A 364 17.02 -34.97 3.55
C GLN A 364 15.68 -34.89 2.81
N TRP A 365 15.67 -34.16 1.70
CA TRP A 365 14.46 -33.91 0.93
C TRP A 365 14.46 -34.70 -0.36
N TRP A 366 15.11 -35.88 -0.33
CA TRP A 366 15.22 -36.70 -1.52
C TRP A 366 14.79 -38.12 -1.17
N THR A 367 13.90 -38.69 -1.98
CA THR A 367 13.43 -40.05 -1.78
C THR A 367 14.49 -41.02 -2.28
N LYS A 368 14.84 -41.98 -1.41
CA LYS A 368 15.91 -42.91 -1.67
C LYS A 368 15.42 -44.06 -2.54
N PRO A 369 16.33 -44.71 -3.32
CA PRO A 369 15.96 -45.84 -4.15
C PRO A 369 15.15 -46.89 -3.40
N MET A 370 14.12 -47.41 -4.08
CA MET A 370 13.20 -48.39 -3.54
C MET A 370 13.26 -49.62 -4.43
N ASP A 371 13.33 -50.81 -3.81
CA ASP A 371 13.16 -52.05 -4.54
C ASP A 371 11.71 -52.50 -4.33
N LEU A 372 10.97 -52.60 -5.43
CA LEU A 372 9.54 -52.92 -5.38
C LEU A 372 9.25 -54.09 -6.31
N ILE A 373 8.09 -54.72 -6.09
CA ILE A 373 7.61 -55.78 -6.97
C ILE A 373 6.20 -55.42 -7.40
N SER A 374 5.92 -55.56 -8.72
CA SER A 374 4.60 -55.30 -9.25
C SER A 374 3.66 -56.42 -8.85
N ASP A 375 2.36 -56.10 -8.73
CA ASP A 375 1.34 -57.09 -8.37
C ASP A 375 0.92 -57.85 -9.63
N GLU A 376 -0.19 -58.59 -9.54
CA GLU A 376 -0.67 -59.44 -10.62
C GLU A 376 -1.09 -58.61 -11.84
N ASN A 377 -1.48 -57.35 -11.62
CA ASN A 377 -1.97 -56.47 -12.66
C ASN A 377 -0.84 -55.57 -13.18
N GLY A 378 0.39 -55.78 -12.69
CA GLY A 378 1.55 -55.01 -13.11
C GLY A 378 1.62 -53.64 -12.45
N LEU A 379 0.91 -53.47 -11.32
CA LEU A 379 0.82 -52.19 -10.64
C LEU A 379 1.92 -52.08 -9.59
N VAL A 380 2.56 -50.90 -9.53
CA VAL A 380 3.56 -50.57 -8.53
C VAL A 380 3.21 -49.20 -7.94
N ASN A 381 3.06 -49.15 -6.60
CA ASN A 381 2.79 -47.90 -5.90
C ASN A 381 4.12 -47.27 -5.48
N VAL A 382 4.26 -45.97 -5.76
CA VAL A 382 5.47 -45.23 -5.47
C VAL A 382 5.09 -44.05 -4.58
N SER A 383 5.81 -43.92 -3.45
CA SER A 383 5.68 -42.77 -2.56
C SER A 383 7.02 -42.06 -2.43
N GLY A 384 6.96 -40.72 -2.35
CA GLY A 384 8.15 -39.91 -2.19
C GLY A 384 7.85 -38.43 -2.43
N PHE A 385 8.92 -37.63 -2.44
CA PHE A 385 8.83 -36.21 -2.75
C PHE A 385 8.34 -36.06 -4.19
N LEU A 386 7.43 -35.10 -4.40
CA LEU A 386 6.95 -34.76 -5.73
C LEU A 386 8.15 -34.49 -6.63
N GLY A 387 8.07 -34.96 -7.88
CA GLY A 387 9.13 -34.72 -8.86
C GLY A 387 9.19 -35.81 -9.92
N GLU A 388 10.34 -35.92 -10.60
CA GLU A 388 10.53 -36.92 -11.64
C GLU A 388 11.23 -38.14 -11.06
N TYR A 389 10.85 -39.33 -11.55
CA TYR A 389 11.37 -40.59 -11.06
C TYR A 389 11.75 -41.47 -12.26
N GLU A 390 12.50 -42.54 -11.99
CA GLU A 390 12.78 -43.58 -12.97
C GLU A 390 12.43 -44.94 -12.39
N VAL A 391 11.89 -45.82 -13.23
CA VAL A 391 11.74 -47.22 -12.88
C VAL A 391 12.66 -48.03 -13.80
N THR A 392 13.41 -48.97 -13.21
CA THR A 392 14.41 -49.74 -13.93
C THR A 392 14.14 -51.23 -13.76
N PHE A 393 14.27 -51.96 -14.87
CA PHE A 393 14.13 -53.42 -14.92
C PHE A 393 14.60 -53.90 -16.28
N ASP A 394 15.27 -55.06 -16.34
CA ASP A 394 15.78 -55.63 -17.57
C ASP A 394 16.80 -54.69 -18.22
N GLY A 395 17.51 -53.91 -17.41
CA GLY A 395 18.49 -52.95 -17.90
C GLY A 395 17.86 -51.80 -18.69
N LYS A 396 16.53 -51.63 -18.57
CA LYS A 396 15.81 -50.54 -19.20
C LYS A 396 15.38 -49.56 -18.12
N SER A 397 15.40 -48.26 -18.44
CA SER A 397 15.01 -47.22 -17.51
C SER A 397 13.93 -46.34 -18.13
N LYS A 398 12.88 -46.02 -17.34
CA LYS A 398 11.70 -45.33 -17.85
C LYS A 398 11.31 -44.22 -16.89
N SER A 399 11.16 -43.00 -17.42
CA SER A 399 10.83 -41.84 -16.62
C SER A 399 9.32 -41.75 -16.38
N PHE A 400 8.94 -41.30 -15.19
CA PHE A 400 7.55 -40.94 -14.93
C PHE A 400 7.49 -39.80 -13.90
N CYS A 401 6.36 -39.10 -13.90
N CYS A 401 6.37 -39.09 -13.91
CA CYS A 401 6.09 -37.99 -12.99
CA CYS A 401 6.12 -38.00 -12.98
C CYS A 401 5.40 -38.53 -11.75
C CYS A 401 5.40 -38.53 -11.75
N LEU A 402 5.75 -37.99 -10.58
CA LEU A 402 5.05 -38.26 -9.34
C LEU A 402 4.44 -36.94 -8.89
N ASP A 403 3.11 -36.82 -9.02
CA ASP A 403 2.38 -35.57 -8.82
C ASP A 403 1.21 -35.83 -7.89
N ASN A 404 0.31 -34.84 -7.75
CA ASN A 404 -0.79 -34.92 -6.81
C ASN A 404 -1.93 -35.77 -7.36
N ASN A 405 -2.35 -35.52 -8.61
CA ASN A 405 -3.47 -36.25 -9.19
C ASN A 405 -3.17 -37.75 -9.24
N ASN A 406 -3.88 -38.55 -8.45
CA ASN A 406 -3.65 -40.00 -8.44
C ASN A 406 -4.28 -40.60 -9.70
N GLU A 407 -3.56 -40.43 -10.82
CA GLU A 407 -3.87 -41.10 -12.07
C GLU A 407 -2.76 -42.11 -12.36
N THR A 408 -3.16 -43.34 -12.71
CA THR A 408 -2.23 -44.42 -12.98
C THR A 408 -1.56 -44.18 -14.34
N VAL A 409 -0.22 -44.24 -14.33
CA VAL A 409 0.57 -44.09 -15.55
C VAL A 409 0.91 -45.49 -16.04
N THR A 410 0.72 -45.73 -17.34
CA THR A 410 1.10 -46.99 -17.95
C THR A 410 2.48 -46.86 -18.58
N ILE A 411 3.31 -47.90 -18.42
CA ILE A 411 4.65 -47.93 -18.96
C ILE A 411 4.84 -49.23 -19.74
N SER A 412 5.27 -49.13 -21.00
CA SER A 412 5.32 -50.25 -21.93
C SER A 412 6.77 -50.61 -22.26
N ALA A 413 6.95 -51.73 -22.97
CA ALA A 413 8.25 -52.15 -23.47
C ALA A 413 8.87 -51.01 -24.30
N CYS B 9 -1.31 34.38 -5.17
CA CYS B 9 -0.85 33.08 -4.62
C CYS B 9 -1.98 32.35 -3.88
N LEU B 10 -3.05 33.09 -3.52
CA LEU B 10 -4.25 32.50 -2.95
C LEU B 10 -5.44 32.80 -3.87
N GLN B 11 -5.16 32.87 -5.18
CA GLN B 11 -6.16 33.20 -6.18
C GLN B 11 -7.24 32.12 -6.20
N HIS B 12 -6.81 30.85 -6.13
CA HIS B 12 -7.71 29.70 -6.11
C HIS B 12 -8.70 29.75 -4.94
N ARG B 13 -8.41 30.57 -3.91
CA ARG B 13 -9.27 30.68 -2.74
C ARG B 13 -10.27 31.83 -2.91
N MET B 14 -10.20 32.53 -4.05
CA MET B 14 -10.97 33.75 -4.24
C MET B 14 -11.78 33.65 -5.52
N GLY B 15 -12.70 34.60 -5.71
CA GLY B 15 -13.54 34.63 -6.89
C GLY B 15 -14.17 36.00 -7.14
N THR B 16 -15.00 36.05 -8.18
CA THR B 16 -15.78 37.22 -8.54
C THR B 16 -17.20 36.78 -8.88
N THR B 17 -18.20 37.50 -8.35
CA THR B 17 -19.57 37.33 -8.75
C THR B 17 -20.14 38.70 -9.12
N THR B 18 -21.15 38.69 -10.00
CA THR B 18 -21.97 39.86 -10.25
C THR B 18 -23.32 39.64 -9.58
N ILE B 19 -23.79 40.64 -8.81
CA ILE B 19 -25.14 40.61 -8.28
C ILE B 19 -25.98 41.67 -9.00
N LYS B 20 -27.26 41.33 -9.22
CA LYS B 20 -28.21 42.23 -9.83
C LYS B 20 -29.26 42.63 -8.80
N LEU B 21 -29.38 43.95 -8.57
CA LEU B 21 -30.33 44.50 -7.62
C LEU B 21 -31.58 44.94 -8.38
N VAL B 22 -32.72 44.35 -8.01
CA VAL B 22 -33.98 44.66 -8.66
C VAL B 22 -35.04 44.96 -7.60
N ALA B 23 -35.99 45.82 -7.97
CA ALA B 23 -37.22 46.02 -7.20
C ALA B 23 -38.09 44.77 -7.34
N ALA B 24 -39.25 44.78 -6.67
CA ALA B 24 -40.16 43.65 -6.68
C ALA B 24 -40.71 43.38 -8.08
N ASP B 25 -40.72 44.38 -8.97
CA ASP B 25 -41.23 44.20 -10.32
C ASP B 25 -40.13 43.80 -11.31
N GLY B 26 -38.90 43.58 -10.81
CA GLY B 26 -37.77 43.17 -11.65
C GLY B 26 -36.99 44.36 -12.21
N SER B 27 -37.48 45.58 -11.99
CA SER B 27 -36.84 46.78 -12.51
C SER B 27 -35.56 47.03 -11.71
N PRO B 28 -34.46 47.49 -12.36
CA PRO B 28 -33.16 47.60 -11.68
C PRO B 28 -33.13 48.71 -10.64
N LEU B 29 -32.46 48.44 -9.51
CA LEU B 29 -32.05 49.49 -8.59
C LEU B 29 -30.77 50.10 -9.10
N ALA B 30 -30.90 51.18 -9.88
CA ALA B 30 -29.79 51.76 -10.61
C ALA B 30 -29.10 52.84 -9.78
N ASN B 31 -27.77 52.92 -9.90
CA ASN B 31 -26.96 53.92 -9.19
C ASN B 31 -27.26 53.87 -7.70
N LYS B 32 -27.39 52.65 -7.16
CA LYS B 32 -27.73 52.42 -5.78
C LYS B 32 -26.46 52.14 -4.98
N GLU B 33 -26.20 52.95 -3.95
CA GLU B 33 -25.05 52.76 -3.08
C GLU B 33 -25.32 51.60 -2.12
N VAL B 34 -24.40 50.63 -2.06
CA VAL B 34 -24.56 49.46 -1.22
C VAL B 34 -23.25 49.18 -0.48
N THR B 35 -23.34 48.38 0.59
CA THR B 35 -22.19 47.86 1.30
C THR B 35 -22.19 46.33 1.22
N VAL B 36 -21.04 45.76 0.84
CA VAL B 36 -20.89 44.32 0.76
C VAL B 36 -19.81 43.88 1.74
N LYS B 37 -20.04 42.78 2.44
CA LYS B 37 -19.06 42.23 3.37
C LYS B 37 -19.16 40.70 3.39
N GLN B 38 -18.04 40.05 3.69
CA GLN B 38 -17.98 38.60 3.87
C GLN B 38 -18.54 38.27 5.25
N THR B 39 -19.37 37.22 5.31
CA THR B 39 -19.95 36.74 6.56
C THR B 39 -19.46 35.33 6.89
N LYS B 40 -18.88 34.61 5.92
CA LYS B 40 -18.44 33.23 6.12
C LYS B 40 -17.44 32.82 5.05
N HIS B 41 -16.56 31.89 5.43
CA HIS B 41 -15.65 31.22 4.53
C HIS B 41 -16.36 30.03 3.89
N LYS B 42 -16.09 29.80 2.60
CA LYS B 42 -16.44 28.53 1.97
C LYS B 42 -15.49 27.46 2.49
N PHE B 43 -14.21 27.82 2.66
CA PHE B 43 -13.22 26.88 3.18
C PHE B 43 -13.61 26.49 4.59
N LEU B 44 -13.44 25.20 4.90
CA LEU B 44 -13.85 24.62 6.17
C LEU B 44 -12.70 24.68 7.17
N PHE B 45 -12.77 25.68 8.06
CA PHE B 45 -11.91 25.77 9.21
C PHE B 45 -12.64 25.13 10.38
N GLY B 46 -12.29 23.87 10.68
CA GLY B 46 -13.05 23.06 11.62
C GLY B 46 -12.32 22.82 12.94
N CYS B 47 -13.07 22.25 13.88
CA CYS B 47 -12.55 21.79 15.15
C CYS B 47 -13.49 20.71 15.68
N ALA B 48 -12.93 19.58 16.13
CA ALA B 48 -13.70 18.59 16.86
C ALA B 48 -14.27 19.24 18.11
N GLU B 49 -15.52 18.92 18.45
CA GLU B 49 -16.20 19.57 19.55
C GLU B 49 -17.23 18.60 20.12
N PHE B 50 -16.77 17.82 21.12
CA PHE B 50 -17.55 16.72 21.68
C PHE B 50 -18.33 17.17 22.92
N THR B 51 -17.99 18.36 23.45
CA THR B 51 -18.71 18.93 24.58
C THR B 51 -20.11 19.38 24.15
N SER B 52 -20.29 19.61 22.84
CA SER B 52 -21.59 19.99 22.31
C SER B 52 -22.66 18.99 22.72
N VAL B 53 -22.28 17.71 22.86
CA VAL B 53 -23.24 16.66 23.17
C VAL B 53 -23.83 16.88 24.57
N PRO B 54 -23.03 16.85 25.68
CA PRO B 54 -23.57 17.12 27.00
C PRO B 54 -24.16 18.53 27.15
N TYR B 55 -23.55 19.52 26.47
CA TYR B 55 -24.05 20.89 26.53
C TYR B 55 -25.47 20.98 25.98
N ALA B 56 -25.67 20.50 24.75
CA ALA B 56 -26.96 20.63 24.07
C ALA B 56 -28.01 19.69 24.66
N ASN B 57 -27.58 18.77 25.54
CA ASN B 57 -28.49 17.88 26.25
C ASN B 57 -28.61 18.30 27.72
N ASN B 58 -28.25 19.57 28.01
CA ASN B 58 -28.55 20.21 29.29
C ASN B 58 -27.95 19.43 30.43
N LYS B 59 -26.65 19.11 30.33
CA LYS B 59 -25.94 18.37 31.35
C LYS B 59 -25.12 19.30 32.26
N PHE B 60 -24.95 20.57 31.84
CA PHE B 60 -24.17 21.53 32.62
C PHE B 60 -25.12 22.58 33.22
N GLU B 61 -24.73 23.11 34.38
CA GLU B 61 -25.47 24.18 35.04
C GLU B 61 -24.50 25.14 35.71
N GLY B 62 -25.04 26.28 36.16
CA GLY B 62 -24.29 27.22 36.99
C GLY B 62 -23.11 27.83 36.25
N LYS B 63 -21.93 27.83 36.90
CA LYS B 63 -20.77 28.56 36.42
C LYS B 63 -19.88 27.69 35.53
N GLN B 64 -20.04 26.36 35.62
CA GLN B 64 -19.39 25.47 34.68
C GLN B 64 -19.95 25.74 33.28
N LYS B 65 -21.27 25.95 33.21
CA LYS B 65 -21.94 26.21 31.96
C LYS B 65 -21.54 27.59 31.42
N GLU B 66 -21.46 28.60 32.29
CA GLU B 66 -21.04 29.93 31.90
C GLU B 66 -19.62 29.90 31.33
N LYS B 67 -18.76 29.09 31.97
CA LYS B 67 -17.36 28.97 31.58
C LYS B 67 -17.28 28.31 30.20
N ILE B 68 -18.16 27.32 29.94
CA ILE B 68 -18.21 26.63 28.67
C ILE B 68 -18.76 27.54 27.58
N GLU B 69 -19.78 28.35 27.91
CA GLU B 69 -20.39 29.27 26.96
C GLU B 69 -19.42 30.37 26.57
N GLU B 70 -18.57 30.77 27.53
CA GLU B 70 -17.52 31.75 27.30
C GLU B 70 -16.59 31.23 26.19
N ARG B 71 -16.27 29.94 26.24
CA ARG B 71 -15.38 29.32 25.27
C ARG B 71 -16.06 29.19 23.91
N TYR B 72 -17.39 28.96 23.90
CA TYR B 72 -18.12 28.83 22.65
C TYR B 72 -18.13 30.14 21.88
N GLU B 73 -18.15 31.28 22.58
CA GLU B 73 -18.10 32.59 21.93
C GLU B 73 -16.83 32.71 21.08
N LYS B 74 -15.70 32.23 21.63
CA LYS B 74 -14.42 32.25 20.95
C LYS B 74 -14.38 31.21 19.84
N PHE B 75 -14.98 30.05 20.11
CA PHE B 75 -15.00 28.92 19.19
C PHE B 75 -15.69 29.32 17.87
N PHE B 76 -16.89 29.89 17.98
CA PHE B 76 -17.72 30.19 16.82
C PHE B 76 -17.24 31.46 16.10
N ASP B 77 -16.37 32.24 16.74
CA ASP B 77 -15.80 33.40 16.08
C ASP B 77 -14.62 32.99 15.20
N LEU B 78 -14.23 31.71 15.26
CA LEU B 78 -13.07 31.22 14.53
C LEU B 78 -13.44 30.12 13.52
N PHE B 79 -14.23 29.12 13.96
CA PHE B 79 -14.48 27.92 13.17
C PHE B 79 -15.85 27.99 12.50
N ASN B 80 -15.96 27.33 11.32
CA ASN B 80 -17.21 27.22 10.59
C ASN B 80 -17.58 25.75 10.35
N PHE B 81 -16.87 24.83 11.05
CA PHE B 81 -16.95 23.41 10.77
C PHE B 81 -16.70 22.67 12.07
N VAL B 82 -17.45 21.59 12.32
CA VAL B 82 -17.35 20.84 13.57
C VAL B 82 -17.40 19.34 13.27
N THR B 83 -16.48 18.60 13.92
CA THR B 83 -16.50 17.15 13.90
C THR B 83 -17.17 16.65 15.17
N LEU B 84 -18.17 15.77 15.02
CA LEU B 84 -18.95 15.23 16.11
C LEU B 84 -18.62 13.75 16.31
N PRO B 85 -18.77 13.21 17.55
CA PRO B 85 -18.38 11.83 17.85
C PRO B 85 -19.45 10.78 17.57
N PHE B 86 -19.08 9.73 16.81
CA PHE B 86 -19.98 8.63 16.49
C PHE B 86 -19.31 7.27 16.74
N TYR B 87 -18.29 7.24 17.60
CA TYR B 87 -17.63 6.02 18.01
C TYR B 87 -18.69 5.02 18.45
N TRP B 88 -18.74 3.86 17.79
CA TRP B 88 -19.83 2.91 17.94
C TRP B 88 -19.96 2.43 19.39
N GLY B 89 -18.81 2.27 20.08
CA GLY B 89 -18.79 1.83 21.46
C GLY B 89 -19.49 2.81 22.40
N LYS B 90 -19.33 4.11 22.11
CA LYS B 90 -19.91 5.19 22.90
C LYS B 90 -21.34 5.48 22.46
N PHE B 91 -21.58 5.37 21.16
CA PHE B 91 -22.86 5.72 20.55
C PHE B 91 -23.91 4.64 20.87
N GLU B 92 -23.47 3.39 21.03
CA GLU B 92 -24.37 2.27 21.23
C GLU B 92 -23.71 1.25 22.16
N PRO B 93 -23.45 1.57 23.44
CA PRO B 93 -22.85 0.62 24.37
C PRO B 93 -23.74 -0.60 24.64
N VAL B 94 -25.06 -0.36 24.65
CA VAL B 94 -26.05 -1.42 24.75
C VAL B 94 -26.60 -1.69 23.36
N LYS B 95 -26.46 -2.93 22.90
CA LYS B 95 -26.89 -3.32 21.57
C LYS B 95 -28.38 -3.00 21.39
N GLY B 96 -28.70 -2.29 20.30
CA GLY B 96 -30.08 -2.00 19.92
C GLY B 96 -30.58 -0.67 20.48
N LYS B 97 -29.75 0.04 21.25
CA LYS B 97 -30.14 1.28 21.89
C LYS B 97 -29.12 2.37 21.58
N PRO B 98 -29.10 2.89 20.33
CA PRO B 98 -28.21 3.98 19.95
C PRO B 98 -28.54 5.31 20.61
N ASP B 99 -27.53 6.19 20.68
CA ASP B 99 -27.66 7.47 21.36
C ASP B 99 -28.02 8.54 20.34
N THR B 100 -29.03 8.23 19.51
CA THR B 100 -29.45 9.03 18.37
C THR B 100 -29.87 10.43 18.82
N GLU B 101 -30.76 10.50 19.83
CA GLU B 101 -31.39 11.76 20.21
C GLU B 101 -30.33 12.72 20.75
N SER B 102 -29.39 12.21 21.55
CA SER B 102 -28.35 13.04 22.14
C SER B 102 -27.59 13.79 21.06
N LEU B 103 -27.26 13.12 19.95
CA LEU B 103 -26.45 13.74 18.91
C LEU B 103 -27.30 14.52 17.93
N LYS B 104 -28.59 14.20 17.83
CA LYS B 104 -29.52 15.05 17.10
C LYS B 104 -29.58 16.43 17.77
N ASN B 105 -29.67 16.45 19.10
CA ASN B 105 -29.78 17.70 19.84
C ASN B 105 -28.50 18.52 19.69
N ALA B 106 -27.34 17.84 19.65
CA ALA B 106 -26.05 18.48 19.49
C ALA B 106 -25.91 19.09 18.10
N ALA B 107 -26.34 18.34 17.08
CA ALA B 107 -26.24 18.76 15.68
C ALA B 107 -27.20 19.92 15.41
N LYS B 108 -28.41 19.86 15.96
CA LYS B 108 -29.42 20.88 15.77
C LYS B 108 -28.97 22.20 16.41
N TRP B 109 -28.34 22.11 17.58
CA TRP B 109 -27.82 23.29 18.26
C TRP B 109 -26.70 23.93 17.43
N LEU B 110 -25.73 23.10 17.01
CA LEU B 110 -24.63 23.56 16.17
C LEU B 110 -25.13 24.16 14.86
N GLN B 111 -26.22 23.58 14.33
CA GLN B 111 -26.80 24.04 13.07
C GLN B 111 -27.31 25.49 13.21
N THR B 112 -27.77 25.87 14.41
CA THR B 112 -28.25 27.22 14.66
C THR B 112 -27.09 28.21 14.71
N LYS B 113 -25.86 27.70 14.90
CA LYS B 113 -24.66 28.51 14.87
C LYS B 113 -24.10 28.60 13.45
N GLY B 114 -24.70 27.85 12.52
CA GLY B 114 -24.39 27.96 11.11
C GLY B 114 -23.07 27.30 10.72
N VAL B 115 -22.68 26.23 11.44
CA VAL B 115 -21.45 25.52 11.14
C VAL B 115 -21.78 24.23 10.39
N GLU B 116 -20.91 23.86 9.45
CA GLU B 116 -20.97 22.59 8.75
C GLU B 116 -20.63 21.47 9.74
N LEU B 117 -21.21 20.27 9.54
CA LEU B 117 -21.01 19.17 10.47
C LEU B 117 -20.46 17.94 9.74
N LYS B 118 -19.54 17.24 10.42
CA LYS B 118 -19.10 15.90 10.01
C LYS B 118 -19.19 14.96 11.21
N GLY B 119 -19.61 13.71 10.96
CA GLY B 119 -19.61 12.67 11.98
C GLY B 119 -18.43 11.74 11.83
N HIS B 120 -17.86 11.29 12.95
CA HIS B 120 -16.61 10.55 12.94
C HIS B 120 -16.54 9.56 14.11
N PRO B 121 -16.14 8.28 13.92
CA PRO B 121 -16.18 7.56 12.63
C PRO B 121 -17.23 6.47 12.60
N LEU B 122 -17.78 6.18 11.41
CA LEU B 122 -18.81 5.17 11.26
C LEU B 122 -18.22 3.76 11.43
N CYS B 123 -17.00 3.54 10.93
CA CYS B 123 -16.35 2.25 11.01
C CYS B 123 -14.89 2.42 11.44
N TRP B 124 -14.52 1.83 12.58
CA TRP B 124 -13.18 1.92 13.14
C TRP B 124 -12.96 0.81 14.16
N HIS B 125 -11.73 0.30 14.24
CA HIS B 125 -11.38 -0.80 15.12
C HIS B 125 -11.28 -0.38 16.58
N THR B 126 -11.01 0.92 16.82
CA THR B 126 -10.88 1.47 18.16
C THR B 126 -12.23 2.08 18.58
N GLU B 127 -12.61 1.83 19.84
CA GLU B 127 -13.86 2.32 20.41
C GLU B 127 -15.04 1.94 19.54
N THR B 128 -15.02 0.72 19.01
CA THR B 128 -16.16 0.14 18.30
C THR B 128 -17.06 -0.54 19.34
N ALA B 129 -18.10 -1.22 18.87
CA ALA B 129 -19.05 -1.88 19.73
C ALA B 129 -18.42 -3.14 20.33
N PRO B 130 -18.27 -3.23 21.67
CA PRO B 130 -17.62 -4.38 22.31
C PRO B 130 -18.35 -5.70 22.08
N TRP B 131 -19.68 -5.64 21.93
CA TRP B 131 -20.53 -6.82 21.85
C TRP B 131 -20.38 -7.53 20.50
N LEU B 132 -19.64 -6.91 19.56
CA LEU B 132 -19.31 -7.53 18.29
C LEU B 132 -18.53 -8.84 18.50
N LEU B 133 -17.73 -8.93 19.56
CA LEU B 133 -16.84 -10.05 19.78
C LEU B 133 -17.61 -11.33 20.09
N ASP B 134 -18.92 -11.24 20.31
CA ASP B 134 -19.76 -12.40 20.55
C ASP B 134 -20.39 -12.91 19.24
N MET B 135 -20.24 -12.13 18.16
CA MET B 135 -20.88 -12.46 16.90
C MET B 135 -19.86 -13.09 15.95
N SER B 136 -20.37 -13.80 14.94
CA SER B 136 -19.54 -14.29 13.84
C SER B 136 -19.14 -13.12 12.95
N ASN B 137 -18.10 -13.32 12.14
CA ASN B 137 -17.65 -12.30 11.19
C ASN B 137 -18.79 -11.88 10.27
N SER B 138 -19.56 -12.87 9.80
CA SER B 138 -20.72 -12.65 8.94
C SER B 138 -21.69 -11.66 9.59
N GLU B 139 -21.97 -11.85 10.89
CA GLU B 139 -22.90 -11.02 11.64
C GLU B 139 -22.31 -9.65 11.92
N ILE B 140 -21.02 -9.61 12.29
CA ILE B 140 -20.33 -8.36 12.56
C ILE B 140 -20.46 -7.44 11.34
N PHE B 141 -20.11 -7.96 10.17
CA PHE B 141 -20.17 -7.20 8.93
C PHE B 141 -21.60 -6.73 8.66
N SER B 142 -22.55 -7.66 8.79
CA SER B 142 -23.96 -7.37 8.58
C SER B 142 -24.44 -6.25 9.49
N THR B 143 -23.95 -6.23 10.75
CA THR B 143 -24.36 -5.27 11.76
C THR B 143 -23.71 -3.92 11.52
N GLN B 144 -22.44 -3.92 11.09
CA GLN B 144 -21.71 -2.70 10.79
C GLN B 144 -22.38 -1.96 9.62
N ILE B 145 -22.85 -2.72 8.62
CA ILE B 145 -23.53 -2.17 7.47
C ILE B 145 -24.87 -1.55 7.89
N LYS B 146 -25.62 -2.24 8.78
CA LYS B 146 -26.87 -1.74 9.29
C LYS B 146 -26.67 -0.49 10.15
N ARG B 147 -25.57 -0.46 10.91
CA ARG B 147 -25.23 0.70 11.71
C ARG B 147 -25.10 1.93 10.80
N ILE B 148 -24.44 1.74 9.65
CA ILE B 148 -24.18 2.82 8.71
C ILE B 148 -25.50 3.30 8.10
N HIS B 149 -26.30 2.35 7.59
CA HIS B 149 -27.61 2.67 7.03
C HIS B 149 -28.42 3.52 8.02
N ARG B 150 -28.51 3.03 9.26
CA ARG B 150 -29.33 3.63 10.30
C ARG B 150 -28.90 5.07 10.57
N ASP B 151 -27.61 5.25 10.87
CA ASP B 151 -27.10 6.52 11.37
C ASP B 151 -27.01 7.54 10.24
N VAL B 152 -26.63 7.12 9.03
CA VAL B 152 -26.55 8.02 7.89
C VAL B 152 -27.96 8.49 7.50
N THR B 153 -28.94 7.58 7.60
CA THR B 153 -30.33 7.90 7.27
C THR B 153 -30.93 8.85 8.30
N ASP B 154 -30.70 8.58 9.59
CA ASP B 154 -31.30 9.36 10.67
C ASP B 154 -30.80 10.80 10.67
N PHE B 155 -29.56 11.02 10.19
CA PHE B 155 -28.92 12.32 10.25
C PHE B 155 -28.88 12.99 8.88
N LYS B 156 -29.48 12.35 7.86
CA LYS B 156 -29.60 12.94 6.54
C LYS B 156 -30.28 14.30 6.64
N GLY B 157 -29.70 15.31 5.97
CA GLY B 157 -30.19 16.68 6.02
C GLY B 157 -29.61 17.48 7.19
N LEU B 158 -28.93 16.79 8.11
CA LEU B 158 -28.48 17.38 9.36
C LEU B 158 -26.97 17.16 9.53
N ILE B 159 -26.52 15.92 9.36
CA ILE B 159 -25.11 15.61 9.15
C ILE B 159 -24.98 14.89 7.81
N ASP B 160 -24.30 15.54 6.85
CA ASP B 160 -24.21 15.05 5.48
C ASP B 160 -22.74 14.86 5.09
N MET B 161 -21.86 14.80 6.09
CA MET B 161 -20.46 14.50 5.86
C MET B 161 -20.03 13.45 6.88
N TRP B 162 -19.24 12.46 6.45
CA TRP B 162 -18.88 11.34 7.30
C TRP B 162 -17.46 10.89 7.02
N ASP B 163 -16.69 10.65 8.08
CA ASP B 163 -15.58 9.72 8.06
C ASP B 163 -16.17 8.31 8.10
N VAL B 164 -16.30 7.69 6.93
CA VAL B 164 -17.02 6.44 6.80
C VAL B 164 -16.20 5.33 7.45
N ILE B 165 -14.89 5.33 7.18
CA ILE B 165 -14.01 4.31 7.70
C ILE B 165 -12.64 4.95 7.97
N ASN B 166 -11.97 4.44 9.02
CA ASN B 166 -10.86 5.14 9.67
C ASN B 166 -9.70 4.16 9.86
N GLU B 167 -8.50 4.57 9.43
CA GLU B 167 -7.24 3.90 9.71
C GLU B 167 -7.25 2.48 9.15
N VAL B 168 -7.50 2.40 7.84
CA VAL B 168 -7.71 1.13 7.15
C VAL B 168 -6.38 0.43 6.91
N VAL B 169 -5.27 1.19 6.83
CA VAL B 169 -3.96 0.61 6.61
C VAL B 169 -3.61 -0.36 7.76
N ILE B 170 -3.82 0.07 9.01
CA ILE B 170 -3.45 -0.75 10.17
C ILE B 170 -4.61 -1.66 10.59
N MET B 171 -5.84 -1.30 10.21
CA MET B 171 -7.05 -1.94 10.70
C MET B 171 -6.92 -3.47 10.75
N PRO B 172 -6.55 -4.18 9.66
CA PRO B 172 -6.47 -5.65 9.69
C PRO B 172 -5.30 -6.25 10.46
N ILE B 173 -4.25 -5.44 10.70
CA ILE B 173 -3.05 -5.92 11.38
C ILE B 173 -2.95 -5.32 12.79
N PHE B 174 -4.03 -4.70 13.26
CA PHE B 174 -4.09 -4.11 14.60
C PHE B 174 -4.08 -5.21 15.64
N ASP B 175 -3.12 -5.17 16.58
CA ASP B 175 -2.90 -6.27 17.51
C ASP B 175 -2.93 -5.81 18.97
N LYS B 176 -3.32 -4.56 19.24
CA LYS B 176 -3.38 -4.06 20.60
C LYS B 176 -4.52 -4.72 21.38
N TYR B 177 -5.62 -5.01 20.71
CA TYR B 177 -6.71 -5.76 21.31
C TYR B 177 -7.60 -6.32 20.21
N ASP B 178 -8.31 -7.39 20.55
CA ASP B 178 -9.31 -7.99 19.69
C ASP B 178 -10.48 -7.02 19.57
N ASN B 179 -10.97 -6.84 18.33
CA ASN B 179 -12.16 -6.07 18.07
C ASN B 179 -12.82 -6.63 16.82
N GLY B 180 -14.11 -6.34 16.63
CA GLY B 180 -14.90 -6.92 15.55
C GLY B 180 -14.49 -6.43 14.17
N ILE B 181 -13.98 -5.19 14.09
CA ILE B 181 -13.73 -4.55 12.80
C ILE B 181 -12.42 -5.07 12.21
N THR B 182 -11.38 -5.20 13.05
CA THR B 182 -10.15 -5.86 12.63
C THR B 182 -10.45 -7.24 12.08
N ARG B 183 -11.33 -7.98 12.76
CA ARG B 183 -11.69 -9.34 12.39
C ARG B 183 -12.25 -9.40 10.97
N ILE B 184 -13.26 -8.58 10.67
CA ILE B 184 -13.92 -8.62 9.37
C ILE B 184 -13.00 -8.05 8.29
N CYS B 185 -12.17 -7.05 8.63
CA CYS B 185 -11.26 -6.46 7.67
C CYS B 185 -10.15 -7.44 7.28
N LYS B 186 -9.71 -8.24 8.26
CA LYS B 186 -8.74 -9.30 8.01
C LYS B 186 -9.37 -10.40 7.16
N ASP B 187 -10.67 -10.65 7.39
CA ASP B 187 -11.39 -11.72 6.72
C ASP B 187 -11.60 -11.35 5.25
N MET B 188 -12.26 -10.22 4.97
CA MET B 188 -12.69 -9.91 3.61
C MET B 188 -11.70 -8.98 2.91
N GLY B 189 -10.78 -8.36 3.66
CA GLY B 189 -9.77 -7.49 3.08
C GLY B 189 -10.18 -6.03 3.14
N ARG B 190 -9.15 -5.15 3.16
CA ARG B 190 -9.34 -3.72 3.27
C ARG B 190 -10.24 -3.23 2.15
N ILE B 191 -10.00 -3.69 0.92
CA ILE B 191 -10.64 -3.08 -0.24
C ILE B 191 -12.13 -3.47 -0.30
N LYS B 192 -12.46 -4.74 -0.06
CA LYS B 192 -13.86 -5.15 -0.06
C LYS B 192 -14.63 -4.44 1.05
N LEU B 193 -14.03 -4.33 2.24
CA LEU B 193 -14.73 -3.72 3.37
C LEU B 193 -15.03 -2.25 3.06
N VAL B 194 -14.01 -1.51 2.59
CA VAL B 194 -14.16 -0.10 2.29
C VAL B 194 -15.25 0.09 1.24
N ARG B 195 -15.24 -0.76 0.20
CA ARG B 195 -16.21 -0.65 -0.88
C ARG B 195 -17.63 -0.75 -0.33
N GLU B 196 -17.85 -1.70 0.58
CA GLU B 196 -19.19 -2.01 1.08
C GLU B 196 -19.68 -0.90 2.01
N VAL B 197 -18.80 -0.33 2.85
CA VAL B 197 -19.23 0.68 3.80
C VAL B 197 -19.56 1.99 3.06
N PHE B 198 -18.78 2.30 2.01
CA PHE B 198 -19.05 3.46 1.15
C PHE B 198 -20.36 3.28 0.38
N LYS B 199 -20.58 2.06 -0.14
CA LYS B 199 -21.80 1.74 -0.86
C LYS B 199 -23.02 1.95 0.05
N ALA B 200 -22.97 1.40 1.27
CA ALA B 200 -24.05 1.49 2.24
C ALA B 200 -24.37 2.93 2.61
N ALA B 201 -23.33 3.74 2.84
CA ALA B 201 -23.50 5.13 3.24
C ALA B 201 -24.12 5.94 2.09
N ARG B 202 -23.67 5.67 0.85
CA ARG B 202 -24.20 6.34 -0.32
C ARG B 202 -25.67 5.95 -0.54
N GLU B 203 -26.01 4.70 -0.27
CA GLU B 203 -27.38 4.21 -0.39
C GLU B 203 -28.31 4.97 0.55
N SER B 204 -27.81 5.38 1.72
CA SER B 204 -28.61 6.02 2.75
C SER B 204 -28.66 7.54 2.57
N ASN B 205 -27.68 8.11 1.85
CA ASN B 205 -27.61 9.55 1.66
C ASN B 205 -26.88 9.86 0.35
N PRO B 206 -27.61 9.96 -0.79
CA PRO B 206 -27.02 10.34 -2.08
C PRO B 206 -26.19 11.62 -2.09
N ASN B 207 -26.47 12.56 -1.17
CA ASN B 207 -25.85 13.87 -1.18
C ASN B 207 -24.70 13.98 -0.18
N ALA B 208 -24.35 12.87 0.49
CA ALA B 208 -23.37 12.90 1.56
C ALA B 208 -21.95 13.03 0.99
N THR B 209 -21.10 13.76 1.72
CA THR B 209 -19.66 13.77 1.49
C THR B 209 -19.03 12.66 2.33
N LEU B 210 -18.44 11.67 1.63
CA LEU B 210 -17.93 10.46 2.27
C LEU B 210 -16.40 10.46 2.22
N LEU B 211 -15.77 10.42 3.41
CA LEU B 211 -14.33 10.41 3.55
C LEU B 211 -13.83 9.04 4.01
N ILE B 212 -12.66 8.67 3.49
CA ILE B 212 -11.76 7.76 4.16
C ILE B 212 -10.70 8.61 4.88
N ASN B 213 -10.28 8.14 6.07
CA ASN B 213 -9.39 8.89 6.94
C ASN B 213 -8.26 7.97 7.39
N ASP B 214 -7.06 8.55 7.61
CA ASP B 214 -5.93 7.77 8.10
C ASP B 214 -4.85 8.71 8.61
N PHE B 215 -4.00 8.19 9.50
CA PHE B 215 -2.80 8.87 9.96
C PHE B 215 -1.60 8.46 9.11
N GLU B 216 -1.72 7.31 8.45
CA GLU B 216 -0.66 6.78 7.62
C GLU B 216 -0.45 7.70 6.41
N THR B 217 0.74 8.30 6.32
CA THR B 217 1.06 9.20 5.23
C THR B 217 2.07 8.60 4.26
N SER B 218 2.54 7.37 4.50
CA SER B 218 3.50 6.74 3.61
C SER B 218 2.74 6.17 2.40
N GLU B 219 3.47 5.50 1.50
CA GLU B 219 2.90 5.07 0.23
C GLU B 219 1.86 3.96 0.42
N SER B 220 1.77 3.36 1.62
CA SER B 220 0.76 2.35 1.86
C SER B 220 -0.66 2.94 1.79
N TYR B 221 -0.82 4.20 2.19
CA TYR B 221 -2.14 4.83 2.18
C TYR B 221 -2.51 5.25 0.75
N ASP B 222 -1.56 5.84 0.02
CA ASP B 222 -1.86 6.27 -1.35
C ASP B 222 -2.01 5.05 -2.28
N ILE B 223 -1.29 3.96 -1.99
CA ILE B 223 -1.48 2.73 -2.75
C ILE B 223 -2.87 2.16 -2.48
N LEU B 224 -3.29 2.15 -1.20
CA LEU B 224 -4.63 1.69 -0.84
C LEU B 224 -5.69 2.49 -1.60
N ILE B 225 -5.54 3.81 -1.60
CA ILE B 225 -6.51 4.70 -2.26
C ILE B 225 -6.55 4.40 -3.76
N GLU B 226 -5.39 4.19 -4.37
CA GLU B 226 -5.33 3.87 -5.79
C GLU B 226 -6.08 2.58 -6.08
N GLY B 227 -5.92 1.58 -5.21
CA GLY B 227 -6.62 0.31 -5.33
C GLY B 227 -8.14 0.45 -5.18
N LEU B 228 -8.56 1.28 -4.22
CA LEU B 228 -9.98 1.55 -4.01
C LEU B 228 -10.60 2.19 -5.26
N LEU B 229 -9.93 3.21 -5.80
CA LEU B 229 -10.47 3.95 -6.93
C LEU B 229 -10.55 3.05 -8.17
N GLU B 230 -9.54 2.19 -8.36
CA GLU B 230 -9.50 1.27 -9.49
C GLU B 230 -10.53 0.15 -9.35
N SER B 231 -10.98 -0.12 -8.11
CA SER B 231 -12.00 -1.13 -7.84
C SER B 231 -13.40 -0.53 -7.80
N GLY B 232 -13.54 0.75 -8.19
CA GLY B 232 -14.84 1.36 -8.40
C GLY B 232 -15.38 2.10 -7.17
N VAL B 233 -14.61 2.19 -6.09
CA VAL B 233 -15.03 2.94 -4.90
C VAL B 233 -14.93 4.42 -5.22
N HIS B 234 -15.99 5.18 -4.92
CA HIS B 234 -16.03 6.60 -5.21
C HIS B 234 -15.87 7.35 -3.89
N ILE B 235 -14.71 8.01 -3.76
CA ILE B 235 -14.31 8.71 -2.54
C ILE B 235 -14.46 10.20 -2.81
N ASP B 236 -15.17 10.90 -1.92
CA ASP B 236 -15.43 12.32 -2.11
C ASP B 236 -14.25 13.15 -1.63
N ALA B 237 -13.56 12.68 -0.59
CA ALA B 237 -12.40 13.39 -0.07
C ALA B 237 -11.47 12.43 0.67
N ILE B 238 -10.17 12.70 0.56
CA ILE B 238 -9.15 11.92 1.25
C ILE B 238 -8.82 12.63 2.55
N GLY B 239 -9.08 11.95 3.68
CA GLY B 239 -8.74 12.46 5.01
C GLY B 239 -7.34 12.04 5.45
N ILE B 240 -6.55 13.03 5.89
CA ILE B 240 -5.20 12.81 6.42
C ILE B 240 -5.11 13.47 7.80
N GLN B 241 -4.80 12.64 8.82
CA GLN B 241 -4.59 13.13 10.18
C GLN B 241 -3.19 13.71 10.29
N SER B 242 -3.00 14.56 11.31
CA SER B 242 -1.85 15.42 11.40
C SER B 242 -1.53 15.71 12.86
N HIS B 243 -1.47 14.65 13.69
CA HIS B 243 -1.20 14.77 15.11
C HIS B 243 0.31 14.87 15.35
N MET B 244 0.78 16.08 15.64
CA MET B 244 2.20 16.36 15.58
C MET B 244 2.75 16.70 16.98
N HIS B 245 2.31 15.91 17.97
CA HIS B 245 2.78 16.01 19.35
C HIS B 245 4.29 15.82 19.43
N GLN B 246 4.84 15.01 18.52
CA GLN B 246 6.26 14.67 18.49
C GLN B 246 7.06 15.68 17.67
N GLY B 247 6.41 16.74 17.18
CA GLY B 247 7.08 17.83 16.48
C GLY B 247 6.42 18.16 15.16
N TYR B 248 6.29 19.45 14.85
CA TYR B 248 5.74 19.90 13.58
C TYR B 248 6.49 19.24 12.43
N TRP B 249 5.75 18.83 11.39
CA TRP B 249 6.30 18.16 10.22
C TRP B 249 7.33 19.03 9.48
N GLY B 250 7.08 20.34 9.45
CA GLY B 250 7.79 21.23 8.55
C GLY B 250 7.08 21.31 7.20
N VAL B 251 7.41 22.38 6.45
CA VAL B 251 6.76 22.70 5.19
C VAL B 251 7.11 21.65 4.14
N GLU B 252 8.39 21.25 4.09
CA GLU B 252 8.88 20.38 3.02
C GLU B 252 8.18 19.02 3.06
N LYS B 253 8.09 18.43 4.25
CA LYS B 253 7.44 17.13 4.44
C LYS B 253 5.95 17.23 4.14
N THR B 254 5.31 18.33 4.59
CA THR B 254 3.90 18.54 4.35
C THR B 254 3.64 18.59 2.84
N GLN B 255 4.51 19.27 2.10
CA GLN B 255 4.29 19.48 0.68
C GLN B 255 4.55 18.22 -0.13
N GLU B 256 5.46 17.35 0.34
CA GLU B 256 5.69 16.09 -0.34
C GLU B 256 4.42 15.23 -0.25
N ILE B 257 3.79 15.24 0.93
CA ILE B 257 2.56 14.50 1.18
C ILE B 257 1.41 15.06 0.34
N LEU B 258 1.27 16.39 0.28
CA LEU B 258 0.23 17.04 -0.48
C LEU B 258 0.36 16.69 -1.97
N GLU B 259 1.58 16.79 -2.52
CA GLU B 259 1.79 16.52 -3.94
C GLU B 259 1.42 15.08 -4.26
N ARG B 260 1.85 14.14 -3.40
CA ARG B 260 1.68 12.73 -3.66
C ARG B 260 0.21 12.31 -3.63
N PHE B 261 -0.57 12.87 -2.69
CA PHE B 261 -1.98 12.53 -2.55
C PHE B 261 -2.85 13.35 -3.52
N SER B 262 -2.24 14.32 -4.21
CA SER B 262 -2.95 15.19 -5.13
C SER B 262 -3.10 14.56 -6.52
N ARG B 263 -2.39 13.45 -6.76
CA ARG B 263 -2.42 12.83 -8.07
C ARG B 263 -3.81 12.29 -8.38
N PHE B 264 -4.64 12.06 -7.35
CA PHE B 264 -5.98 11.52 -7.52
C PHE B 264 -6.99 12.59 -7.91
N LYS B 265 -6.60 13.87 -7.77
CA LYS B 265 -7.43 15.01 -8.13
C LYS B 265 -8.74 15.01 -7.33
N LEU B 266 -8.66 14.51 -6.08
CA LEU B 266 -9.77 14.53 -5.15
C LEU B 266 -9.47 15.54 -4.06
N PRO B 267 -10.51 16.19 -3.48
CA PRO B 267 -10.32 17.04 -2.29
C PRO B 267 -9.55 16.32 -1.20
N ILE B 268 -8.69 17.06 -0.49
CA ILE B 268 -7.96 16.54 0.64
C ILE B 268 -8.43 17.29 1.89
N HIS B 269 -8.79 16.55 2.94
CA HIS B 269 -9.12 17.13 4.23
C HIS B 269 -8.02 16.79 5.23
N PHE B 270 -7.50 17.82 5.91
CA PHE B 270 -6.66 17.61 7.08
C PHE B 270 -7.57 17.56 8.31
N THR B 271 -7.80 16.33 8.79
CA THR B 271 -8.96 15.98 9.59
C THR B 271 -8.74 16.16 11.10
N GLU B 272 -7.49 16.04 11.56
CA GLU B 272 -7.18 16.04 12.98
C GLU B 272 -5.79 16.63 13.20
N ASN B 273 -5.73 17.89 13.63
CA ASN B 273 -4.47 18.62 13.75
C ASN B 273 -4.14 18.81 15.23
N THR B 274 -2.88 18.55 15.59
CA THR B 274 -2.37 18.84 16.92
C THR B 274 -0.94 19.36 16.82
N LEU B 275 -0.70 20.50 17.47
CA LEU B 275 0.61 20.97 17.91
C LEU B 275 0.48 21.29 19.39
N VAL B 276 1.51 20.95 20.18
CA VAL B 276 1.49 21.16 21.62
C VAL B 276 2.28 22.43 21.95
N SER B 277 1.92 23.06 23.09
CA SER B 277 2.59 24.27 23.58
C SER B 277 3.39 23.97 24.85
N GLY B 278 3.63 22.67 25.12
CA GLY B 278 4.53 22.22 26.18
C GLY B 278 5.67 21.41 25.57
N HIS B 279 6.34 20.58 26.38
CA HIS B 279 7.41 19.74 25.88
C HIS B 279 6.83 18.78 24.83
N LEU B 280 7.60 18.50 23.77
CA LEU B 280 7.20 17.56 22.73
C LEU B 280 7.08 16.18 23.34
N MET B 281 6.37 15.30 22.63
CA MET B 281 6.26 13.90 23.00
C MET B 281 7.51 13.20 22.46
N PRO B 282 8.13 12.26 23.20
CA PRO B 282 9.30 11.54 22.69
C PRO B 282 9.06 10.94 21.30
N PRO B 283 10.03 11.05 20.36
CA PRO B 283 9.78 10.72 18.95
C PRO B 283 9.64 9.24 18.62
N GLU B 284 10.10 8.34 19.50
CA GLU B 284 10.16 6.92 19.18
C GLU B 284 8.81 6.22 19.45
N ILE B 285 7.87 6.91 20.10
CA ILE B 285 6.59 6.31 20.45
C ILE B 285 5.73 6.17 19.19
N VAL B 286 5.31 4.93 18.90
CA VAL B 286 4.56 4.61 17.71
C VAL B 286 3.09 4.96 17.94
N ASP B 287 2.48 4.32 18.96
CA ASP B 287 1.07 4.49 19.27
C ASP B 287 0.91 5.59 20.32
N LEU B 288 0.38 6.74 19.89
CA LEU B 288 0.30 7.94 20.71
C LEU B 288 -0.52 7.71 21.99
N ASN B 289 -1.46 6.75 21.94
CA ASN B 289 -2.34 6.49 23.07
C ASN B 289 -1.58 5.94 24.27
N ASP B 290 -0.34 5.47 24.05
CA ASP B 290 0.48 4.90 25.12
C ASP B 290 1.07 5.97 26.04
N TYR B 291 1.12 7.23 25.57
CA TYR B 291 1.79 8.29 26.28
C TYR B 291 0.85 8.91 27.31
N GLN B 292 0.70 8.21 28.44
CA GLN B 292 -0.20 8.59 29.51
C GLN B 292 0.63 9.08 30.68
N ILE B 293 0.82 10.41 30.75
CA ILE B 293 1.66 11.04 31.75
C ILE B 293 0.79 11.86 32.68
N PRO B 294 1.18 12.02 33.97
CA PRO B 294 0.32 12.66 34.97
C PRO B 294 0.02 14.12 34.70
N GLU B 295 0.99 14.84 34.11
CA GLU B 295 0.83 16.25 33.82
C GLU B 295 1.69 16.63 32.62
N TRP B 296 1.18 17.60 31.86
CA TRP B 296 1.79 18.02 30.61
C TRP B 296 1.52 19.50 30.41
N PRO B 297 2.21 20.40 31.15
CA PRO B 297 1.82 21.81 31.18
C PRO B 297 2.23 22.59 29.93
N SER B 298 1.46 23.63 29.63
CA SER B 298 1.81 24.61 28.62
C SER B 298 2.90 25.52 29.15
N THR B 299 3.86 25.91 28.31
CA THR B 299 4.91 26.85 28.67
C THR B 299 4.78 28.10 27.79
N PRO B 300 5.24 29.29 28.25
CA PRO B 300 5.25 30.50 27.42
C PRO B 300 5.96 30.37 26.06
N GLU B 301 7.17 29.79 26.05
CA GLU B 301 7.93 29.65 24.82
C GLU B 301 7.32 28.56 23.95
N GLY B 302 6.71 27.55 24.58
CA GLY B 302 5.96 26.53 23.89
C GLY B 302 4.72 27.07 23.19
N GLU B 303 4.08 28.09 23.79
CA GLU B 303 2.91 28.76 23.21
C GLU B 303 3.29 29.63 22.02
N GLU B 304 4.50 30.23 22.08
CA GLU B 304 5.02 31.00 20.97
C GLU B 304 5.34 30.08 19.79
N ARG B 305 5.99 28.94 20.09
CA ARG B 305 6.29 27.92 19.09
C ARG B 305 4.99 27.38 18.48
N GLN B 306 4.00 27.07 19.33
CA GLN B 306 2.74 26.48 18.88
C GLN B 306 2.06 27.43 17.89
N ALA B 307 2.04 28.73 18.20
CA ALA B 307 1.38 29.75 17.38
C ALA B 307 2.06 29.87 16.03
N GLN B 308 3.40 30.00 16.03
CA GLN B 308 4.18 30.16 14.80
C GLN B 308 4.06 28.92 13.92
N GLU B 309 4.15 27.72 14.52
CA GLU B 309 4.07 26.48 13.76
C GLU B 309 2.67 26.28 13.19
N ALA B 310 1.63 26.68 13.95
CA ALA B 310 0.26 26.55 13.51
C ALA B 310 -0.03 27.45 12.31
N VAL B 311 0.54 28.67 12.31
CA VAL B 311 0.38 29.60 11.21
C VAL B 311 1.02 29.02 9.95
N THR B 312 2.25 28.50 10.10
CA THR B 312 2.97 27.89 9.00
C THR B 312 2.20 26.69 8.43
N HIS B 313 1.57 25.90 9.30
CA HIS B 313 0.83 24.71 8.90
C HIS B 313 -0.42 25.12 8.12
N TYR B 314 -1.22 26.02 8.70
CA TYR B 314 -2.45 26.47 8.07
C TYR B 314 -2.14 27.13 6.71
N LYS B 315 -1.09 27.96 6.67
CA LYS B 315 -0.69 28.61 5.43
C LYS B 315 -0.34 27.58 4.35
N THR B 316 0.43 26.55 4.73
CA THR B 316 0.90 25.53 3.79
C THR B 316 -0.29 24.81 3.17
N LEU B 317 -1.31 24.51 3.99
CA LEU B 317 -2.46 23.74 3.58
C LEU B 317 -3.42 24.59 2.74
N PHE B 318 -3.67 25.82 3.20
CA PHE B 318 -4.56 26.74 2.52
C PHE B 318 -4.02 27.07 1.13
N SER B 319 -2.68 27.10 1.00
CA SER B 319 -1.99 27.41 -0.24
C SER B 319 -2.16 26.30 -1.28
N HIS B 320 -2.45 25.07 -0.82
CA HIS B 320 -2.57 23.93 -1.73
C HIS B 320 -4.01 23.82 -2.24
N PRO B 321 -4.25 23.99 -3.56
CA PRO B 321 -5.61 24.05 -4.11
C PRO B 321 -6.57 22.93 -3.72
N LEU B 322 -6.09 21.68 -3.72
CA LEU B 322 -6.97 20.53 -3.49
C LEU B 322 -7.37 20.38 -2.03
N VAL B 323 -6.66 21.03 -1.10
CA VAL B 323 -7.05 20.99 0.30
C VAL B 323 -8.33 21.81 0.46
N GLU B 324 -9.32 21.26 1.18
CA GLU B 324 -10.62 21.90 1.31
C GLU B 324 -11.09 22.01 2.75
N ALA B 325 -10.35 21.45 3.71
CA ALA B 325 -10.73 21.54 5.12
C ALA B 325 -9.50 21.36 6.00
N ILE B 326 -9.44 22.13 7.09
CA ILE B 326 -8.46 21.94 8.15
C ILE B 326 -9.21 21.93 9.48
N THR B 327 -9.12 20.81 10.20
CA THR B 327 -9.84 20.60 11.44
C THR B 327 -8.84 20.40 12.58
N TRP B 328 -8.87 21.31 13.55
CA TRP B 328 -8.12 21.17 14.79
C TRP B 328 -8.82 20.13 15.67
N TRP B 329 -8.05 19.43 16.51
CA TRP B 329 -8.62 18.31 17.26
C TRP B 329 -9.16 18.74 18.62
N ASP B 330 -8.34 19.42 19.43
CA ASP B 330 -8.73 19.86 20.77
C ASP B 330 -8.67 21.38 20.86
N PHE B 331 -9.83 22.01 21.12
CA PHE B 331 -9.89 23.46 21.30
C PHE B 331 -9.33 23.88 22.67
N VAL B 332 -9.42 23.00 23.68
CA VAL B 332 -8.98 23.37 25.01
C VAL B 332 -7.88 22.41 25.48
N ASP B 333 -6.88 22.98 26.16
CA ASP B 333 -5.75 22.25 26.73
C ASP B 333 -6.27 21.18 27.68
N GLY B 334 -5.57 20.04 27.73
CA GLY B 334 -5.88 18.97 28.66
C GLY B 334 -6.95 18.02 28.13
N GLY B 335 -7.13 17.98 26.80
CA GLY B 335 -8.04 17.04 26.16
C GLY B 335 -7.38 15.67 25.99
N TRP B 336 -7.16 15.27 24.73
CA TRP B 336 -6.57 13.97 24.42
C TRP B 336 -5.12 13.94 24.93
N LEU B 337 -4.80 12.91 25.73
CA LEU B 337 -3.49 12.71 26.34
C LEU B 337 -3.18 13.83 27.34
N LYS B 338 -4.21 14.56 27.80
CA LYS B 338 -4.07 15.72 28.66
C LYS B 338 -3.01 16.68 28.12
N ALA B 339 -2.89 16.77 26.79
CA ALA B 339 -1.82 17.54 26.17
C ALA B 339 -2.20 19.02 26.15
N PRO B 340 -1.21 19.93 26.16
CA PRO B 340 -1.48 21.35 25.91
C PRO B 340 -1.62 21.61 24.42
N SER B 341 -2.66 21.02 23.83
CA SER B 341 -2.85 20.97 22.39
C SER B 341 -3.97 21.93 21.95
N GLY B 342 -4.42 22.80 22.87
CA GLY B 342 -5.59 23.64 22.63
C GLY B 342 -5.22 25.06 22.21
N PHE B 343 -6.27 25.88 22.00
CA PHE B 343 -6.15 27.31 21.76
C PHE B 343 -6.49 28.09 23.02
N ILE B 344 -7.11 27.40 24.00
CA ILE B 344 -7.58 27.99 25.25
C ILE B 344 -7.22 27.04 26.39
N THR B 345 -6.85 27.59 27.54
CA THR B 345 -6.52 26.78 28.71
C THR B 345 -7.82 26.38 29.42
N GLN B 346 -7.69 25.56 30.47
CA GLN B 346 -8.84 25.06 31.19
C GLN B 346 -9.48 26.14 32.06
N ASP B 347 -8.69 27.15 32.46
CA ASP B 347 -9.22 28.30 33.20
C ASP B 347 -9.48 29.46 32.23
N ASN B 348 -9.71 29.13 30.96
CA ASN B 348 -10.25 30.03 29.94
C ASN B 348 -9.29 31.16 29.61
N ARG B 349 -7.98 30.89 29.60
CA ARG B 349 -7.01 31.86 29.10
C ARG B 349 -6.83 31.61 27.60
N VAL B 350 -7.03 32.66 26.80
CA VAL B 350 -6.86 32.58 25.36
C VAL B 350 -5.37 32.60 25.04
N LYS B 351 -4.89 31.53 24.40
CA LYS B 351 -3.47 31.34 24.13
C LYS B 351 -3.08 32.11 22.86
N PRO B 352 -1.78 32.44 22.68
CA PRO B 352 -1.30 33.07 21.45
C PRO B 352 -1.77 32.45 20.14
N ILE B 353 -1.90 31.11 20.09
CA ILE B 353 -2.30 30.41 18.88
C ILE B 353 -3.67 30.88 18.40
N TYR B 354 -4.60 31.16 19.33
CA TYR B 354 -5.92 31.65 18.99
C TYR B 354 -5.81 33.00 18.28
N HIS B 355 -5.02 33.93 18.85
CA HIS B 355 -4.85 35.26 18.30
C HIS B 355 -4.19 35.20 16.93
N ALA B 356 -3.26 34.25 16.76
CA ALA B 356 -2.50 34.11 15.53
C ALA B 356 -3.40 33.59 14.40
N LEU B 357 -4.20 32.56 14.70
CA LEU B 357 -5.06 31.93 13.71
C LEU B 357 -6.32 32.75 13.47
N HIS B 358 -6.81 33.44 14.50
CA HIS B 358 -7.93 34.35 14.33
C HIS B 358 -7.53 35.46 13.35
N ASP B 359 -6.34 36.04 13.52
CA ASP B 359 -5.86 37.08 12.62
C ASP B 359 -5.69 36.51 11.21
N LEU B 360 -5.24 35.26 11.11
CA LEU B 360 -4.96 34.65 9.82
C LEU B 360 -6.27 34.40 9.06
N ILE B 361 -7.26 33.83 9.76
CA ILE B 361 -8.48 33.35 9.14
C ILE B 361 -9.49 34.48 8.99
N LYS B 362 -9.60 35.35 10.01
CA LYS B 362 -10.67 36.33 10.06
C LYS B 362 -10.18 37.74 9.71
N ASN B 363 -8.91 37.87 9.29
CA ASN B 363 -8.38 39.17 8.88
C ASN B 363 -7.61 39.02 7.57
N GLN B 364 -6.48 38.29 7.59
CA GLN B 364 -5.64 38.16 6.41
C GLN B 364 -6.39 37.46 5.28
N TRP B 365 -7.22 36.48 5.65
CA TRP B 365 -7.95 35.66 4.70
C TRP B 365 -9.43 36.04 4.69
N TRP B 366 -9.72 37.31 4.99
CA TRP B 366 -11.08 37.79 5.06
C TRP B 366 -11.21 39.05 4.21
N THR B 367 -12.22 39.08 3.33
CA THR B 367 -12.46 40.23 2.49
C THR B 367 -13.15 41.31 3.31
N LYS B 368 -12.60 42.53 3.25
CA LYS B 368 -13.06 43.64 4.07
C LYS B 368 -14.27 44.31 3.40
N PRO B 369 -15.15 44.96 4.20
CA PRO B 369 -16.32 45.66 3.65
C PRO B 369 -15.96 46.56 2.47
N MET B 370 -16.82 46.54 1.45
CA MET B 370 -16.66 47.30 0.22
C MET B 370 -17.87 48.21 0.07
N ASP B 371 -17.63 49.48 -0.25
CA ASP B 371 -18.70 50.40 -0.60
C ASP B 371 -18.75 50.47 -2.12
N LEU B 372 -19.89 50.07 -2.70
CA LEU B 372 -20.04 49.95 -4.13
C LEU B 372 -21.30 50.68 -4.58
N ILE B 373 -21.38 50.97 -5.88
CA ILE B 373 -22.57 51.54 -6.48
C ILE B 373 -22.96 50.68 -7.68
N SER B 374 -24.26 50.36 -7.78
CA SER B 374 -24.76 49.58 -8.90
C SER B 374 -24.80 50.44 -10.16
N ASP B 375 -24.68 49.81 -11.33
CA ASP B 375 -24.72 50.50 -12.61
C ASP B 375 -26.19 50.70 -13.01
N GLU B 376 -26.43 51.08 -14.28
CA GLU B 376 -27.76 51.39 -14.80
C GLU B 376 -28.68 50.17 -14.77
N ASN B 377 -28.08 48.96 -14.85
CA ASN B 377 -28.83 47.71 -14.90
C ASN B 377 -28.92 47.08 -13.51
N GLY B 378 -28.44 47.78 -12.49
CA GLY B 378 -28.49 47.29 -11.11
C GLY B 378 -27.42 46.26 -10.81
N LEU B 379 -26.35 46.22 -11.62
CA LEU B 379 -25.28 45.23 -11.51
C LEU B 379 -24.18 45.76 -10.58
N VAL B 380 -23.71 44.89 -9.68
CA VAL B 380 -22.60 45.16 -8.78
C VAL B 380 -21.64 43.97 -8.84
N ASN B 381 -20.37 44.22 -9.15
CA ASN B 381 -19.33 43.18 -9.16
C ASN B 381 -18.67 43.10 -7.79
N VAL B 382 -18.55 41.87 -7.27
CA VAL B 382 -17.97 41.63 -5.97
C VAL B 382 -16.79 40.68 -6.13
N SER B 383 -15.64 41.05 -5.56
CA SER B 383 -14.47 40.19 -5.49
C SER B 383 -14.07 39.96 -4.04
N GLY B 384 -13.58 38.74 -3.76
CA GLY B 384 -13.13 38.38 -2.44
C GLY B 384 -12.94 36.88 -2.29
N PHE B 385 -12.65 36.46 -1.06
CA PHE B 385 -12.52 35.05 -0.71
C PHE B 385 -13.87 34.36 -0.94
N LEU B 386 -13.82 33.16 -1.50
CA LEU B 386 -15.00 32.33 -1.67
C LEU B 386 -15.70 32.18 -0.33
N GLY B 387 -17.04 32.22 -0.35
CA GLY B 387 -17.83 32.10 0.87
C GLY B 387 -19.15 32.85 0.77
N GLU B 388 -19.75 33.12 1.94
CA GLU B 388 -21.04 33.80 2.00
C GLU B 388 -20.80 35.29 2.26
N TYR B 389 -21.65 36.12 1.65
CA TYR B 389 -21.55 37.57 1.74
C TYR B 389 -22.92 38.15 2.06
N GLU B 390 -22.93 39.44 2.43
CA GLU B 390 -24.15 40.20 2.58
C GLU B 390 -24.04 41.50 1.80
N VAL B 391 -25.15 41.90 1.17
CA VAL B 391 -25.26 43.24 0.60
C VAL B 391 -26.30 43.99 1.41
N THR B 392 -25.97 45.25 1.79
CA THR B 392 -26.82 46.06 2.65
C THR B 392 -27.14 47.39 1.96
N PHE B 393 -28.42 47.78 2.06
CA PHE B 393 -28.91 49.05 1.53
C PHE B 393 -30.33 49.25 2.05
N ASP B 394 -30.69 50.50 2.36
CA ASP B 394 -32.00 50.84 2.92
C ASP B 394 -32.20 50.14 4.26
N GLY B 395 -31.11 49.88 4.98
CA GLY B 395 -31.15 49.19 6.27
C GLY B 395 -31.60 47.73 6.14
N LYS B 396 -31.59 47.18 4.91
CA LYS B 396 -31.92 45.79 4.66
C LYS B 396 -30.66 45.04 4.28
N SER B 397 -30.56 43.78 4.72
CA SER B 397 -29.38 42.97 4.47
C SER B 397 -29.77 41.66 3.79
N LYS B 398 -29.01 41.27 2.76
CA LYS B 398 -29.37 40.16 1.89
C LYS B 398 -28.16 39.28 1.63
N SER B 399 -28.30 37.98 1.90
CA SER B 399 -27.21 37.02 1.77
C SER B 399 -27.07 36.55 0.32
N PHE B 400 -25.82 36.35 -0.12
CA PHE B 400 -25.56 35.68 -1.39
C PHE B 400 -24.24 34.91 -1.30
N CYS B 401 -24.10 33.92 -2.20
N CYS B 401 -24.08 33.92 -2.19
CA CYS B 401 -22.91 33.11 -2.29
CA CYS B 401 -22.88 33.11 -2.24
C CYS B 401 -21.94 33.72 -3.30
C CYS B 401 -21.94 33.64 -3.31
N LEU B 402 -20.64 33.66 -2.99
CA LEU B 402 -19.60 34.03 -3.93
C LEU B 402 -18.79 32.76 -4.22
N ASP B 403 -18.97 32.20 -5.42
CA ASP B 403 -18.44 30.89 -5.75
C ASP B 403 -17.73 30.97 -7.10
N ASN B 404 -17.38 29.80 -7.68
CA ASN B 404 -16.56 29.74 -8.89
C ASN B 404 -17.41 30.02 -10.14
N ASN B 405 -18.57 29.35 -10.26
CA ASN B 405 -19.44 29.46 -11.42
C ASN B 405 -19.85 30.92 -11.64
N ASN B 406 -19.41 31.50 -12.77
CA ASN B 406 -19.75 32.85 -13.20
C ASN B 406 -21.25 32.96 -13.47
N GLU B 407 -22.05 33.01 -12.40
CA GLU B 407 -23.50 33.11 -12.48
C GLU B 407 -23.90 34.41 -11.80
N THR B 408 -24.69 35.25 -12.49
CA THR B 408 -25.22 36.45 -11.89
C THR B 408 -26.36 36.07 -10.95
N VAL B 409 -26.28 36.55 -9.71
CA VAL B 409 -27.33 36.34 -8.72
C VAL B 409 -28.21 37.58 -8.71
N THR B 410 -29.53 37.39 -8.75
CA THR B 410 -30.48 38.48 -8.66
C THR B 410 -30.96 38.59 -7.22
N ILE B 411 -31.07 39.83 -6.72
CA ILE B 411 -31.51 40.09 -5.37
C ILE B 411 -32.63 41.12 -5.40
N SER B 412 -33.79 40.78 -4.79
CA SER B 412 -35.01 41.54 -4.90
C SER B 412 -35.40 42.15 -3.56
N ALA B 413 -36.41 43.03 -3.60
CA ALA B 413 -37.07 43.54 -2.40
C ALA B 413 -37.48 42.38 -1.48
#